data_5WX1
#
_entry.id   5WX1
#
_cell.length_a   111.084
_cell.length_b   111.084
_cell.length_c   139.032
_cell.angle_alpha   90.000
_cell.angle_beta   90.000
_cell.angle_gamma   90.000
#
_symmetry.space_group_name_H-M   'P 42 21 2'
#
loop_
_entity.id
_entity.type
_entity.pdbx_description
1 polymer 'Serine protease NS3'
2 water water
#
_entity_poly.entity_id   1
_entity_poly.type   'polypeptide(L)'
_entity_poly.pdbx_seq_one_letter_code
;MSHHHHHHHSKRHIPVVTDIYSIEDHRLEDTTHLQYAPNAIKTEGKGSGSGPAVCKKVTEHEKCTTSIMDKLTAFFGVMP
RGTTPRAPVRFPTSLLKIRRGLETGWAYTHQGGISSVDHVTCGKDLLVCDTMGRTRVVCQSNNKMTDESEYGVKTDSGCP
EGARCYVFNPEAVNISGTKGAMVHLQKTGGEFTCVTASGTPAFFDLKNLKGWAGLPIFEASSGRVVGRVKVGKNEDSKPT
KLMSGIQTVSKSTTDLTEMVKKITTMNRGEFRQITLATGAGKTTELPRSVIEEIGRHKRVLVLIPLRAAAESVYQYMRQK
HPSIAFNLRIGEMKEGDMATGITYASYGYFCQMPQPKLRAAMVEYSFIFLDEYHCATPEQLAIMGKIHRFSENLRVVAMT
ATPAGTVTTTGQKHPIEEFIAPEVMKGEDLGSEYLDIAGLKIPVEEMKSNMLVFVPTRNMAVETAKKLKAKGYNSGYYYS
GEDPSNLRVVTSQSPYVVVATNAIESGVTLPDLDVVVDTGLKCEKRIRLSSKMPFIVTGLKRMAVTIGEQAQRRGRVGRV
KPGRYYRSQETPVGSKDYHYDLLQAQRYGIEDGINITKSFREMNYDWSLYEEDSLMITQLEILNNLLISEELPMAVKNIM
ARTDHPEPIQLAYNSYETQVPVLFPKIRNGEVTDSYDNYTFLNARKLGDDVPPYVYATEDEDLAVELLGLDWPDPGNQGT
VEAGRALKQVVGL
;
_entity_poly.pdbx_strand_id   A
#
# COMPACT_ATOMS: atom_id res chain seq x y z
N ARG A 12 14.37 -14.29 8.15
CA ARG A 12 15.02 -15.47 7.60
C ARG A 12 14.48 -16.81 8.14
N HIS A 13 14.29 -16.92 9.46
CA HIS A 13 14.04 -18.20 10.14
C HIS A 13 12.71 -18.82 9.71
N ILE A 14 12.53 -20.08 10.13
CA ILE A 14 11.34 -20.87 9.81
C ILE A 14 10.39 -20.83 11.01
N PRO A 15 9.11 -20.52 10.82
CA PRO A 15 8.17 -20.51 11.95
C PRO A 15 7.87 -21.92 12.45
N VAL A 16 7.87 -22.10 13.76
CA VAL A 16 7.64 -23.40 14.38
C VAL A 16 6.44 -23.32 15.32
N VAL A 17 5.46 -24.17 15.11
CA VAL A 17 4.38 -24.33 16.07
C VAL A 17 4.93 -25.07 17.28
N THR A 18 4.82 -24.46 18.46
CA THR A 18 5.31 -25.04 19.71
C THR A 18 4.19 -25.56 20.59
N ASP A 19 2.97 -25.06 20.42
CA ASP A 19 1.84 -25.43 21.25
C ASP A 19 0.56 -25.33 20.42
N ILE A 20 -0.33 -26.28 20.64
CA ILE A 20 -1.62 -26.31 19.97
C ILE A 20 -2.68 -26.38 21.05
N TYR A 21 -3.49 -25.32 21.15
CA TYR A 21 -4.56 -25.21 22.12
C TYR A 21 -5.89 -25.44 21.40
N SER A 22 -6.52 -26.58 21.69
CA SER A 22 -7.84 -26.85 21.15
C SER A 22 -8.85 -26.04 21.92
N ILE A 23 -9.85 -25.51 21.23
CA ILE A 23 -10.84 -24.67 21.86
C ILE A 23 -12.23 -25.04 21.37
N GLU A 24 -13.22 -24.49 22.04
CA GLU A 24 -14.61 -24.67 21.66
C GLU A 24 -15.40 -23.54 22.30
N ASP A 25 -16.58 -23.29 21.72
CA ASP A 25 -17.45 -22.23 22.20
C ASP A 25 -17.90 -22.51 23.63
N HIS A 26 -18.28 -21.43 24.31
CA HIS A 26 -18.59 -21.49 25.74
C HIS A 26 -19.40 -20.23 26.04
N ARG A 27 -20.72 -20.38 26.07
CA ARG A 27 -21.60 -19.25 26.31
C ARG A 27 -21.56 -18.88 27.79
N LEU A 28 -21.32 -17.60 28.07
CA LEU A 28 -21.20 -17.10 29.43
C LEU A 28 -22.13 -15.90 29.60
N GLU A 29 -22.77 -15.80 30.76
CA GLU A 29 -23.58 -14.62 31.04
C GLU A 29 -22.72 -13.42 31.39
N ASP A 30 -21.54 -13.66 31.95
CA ASP A 30 -20.65 -12.61 32.38
C ASP A 30 -19.22 -13.10 32.22
N THR A 31 -18.37 -12.26 31.61
CA THR A 31 -16.99 -12.61 31.32
C THR A 31 -15.99 -11.76 32.09
N THR A 32 -16.45 -11.02 33.11
CA THR A 32 -15.57 -10.14 33.87
C THR A 32 -14.35 -10.88 34.40
N HIS A 33 -14.58 -12.06 34.99
CA HIS A 33 -13.52 -12.82 35.64
C HIS A 33 -12.46 -13.34 34.68
N LEU A 34 -12.68 -13.24 33.36
CA LEU A 34 -11.75 -13.75 32.35
C LEU A 34 -10.85 -12.67 31.78
N GLN A 35 -10.97 -11.42 32.24
CA GLN A 35 -10.37 -10.34 31.49
C GLN A 35 -8.90 -10.15 31.86
N TYR A 36 -8.07 -9.97 30.83
CA TYR A 36 -6.67 -9.65 30.99
C TYR A 36 -6.55 -8.31 31.70
N ALA A 37 -5.72 -8.25 32.75
CA ALA A 37 -5.51 -7.00 33.50
C ALA A 37 -4.14 -7.01 34.16
N PRO A 38 -3.09 -6.75 33.40
CA PRO A 38 -1.76 -6.62 34.02
C PRO A 38 -1.75 -5.58 35.12
N ASN A 39 -1.14 -5.94 36.25
CA ASN A 39 -0.85 -5.05 37.39
C ASN A 39 -2.06 -4.80 38.29
N ALA A 40 -3.18 -5.47 38.11
CA ALA A 40 -4.41 -5.12 38.82
C ALA A 40 -4.61 -5.98 40.07
N ILE A 41 -5.62 -5.59 40.85
CA ILE A 41 -6.05 -6.31 42.05
C ILE A 41 -7.50 -5.91 42.34
N LYS A 42 -8.25 -6.81 43.00
CA LYS A 42 -9.68 -6.61 43.31
C LYS A 42 -10.51 -6.39 42.05
N GLY A 49 -20.91 -5.30 35.25
CA GLY A 49 -21.36 -6.49 34.55
C GLY A 49 -21.04 -6.44 33.08
N SER A 50 -20.59 -7.56 32.51
CA SER A 50 -20.02 -7.53 31.16
C SER A 50 -21.11 -7.62 30.07
N GLY A 51 -22.16 -8.40 30.31
CA GLY A 51 -23.00 -8.84 29.22
C GLY A 51 -22.51 -10.20 28.73
N PRO A 52 -23.37 -10.90 28.00
CA PRO A 52 -23.03 -12.26 27.57
C PRO A 52 -22.03 -12.25 26.41
N ALA A 53 -21.46 -13.42 26.17
CA ALA A 53 -20.55 -13.58 25.05
C ALA A 53 -20.42 -15.06 24.75
N VAL A 54 -20.26 -15.38 23.48
CA VAL A 54 -19.82 -16.71 23.08
C VAL A 54 -18.32 -16.73 23.32
N CYS A 55 -17.89 -17.25 24.46
CA CYS A 55 -16.48 -17.28 24.82
C CYS A 55 -15.80 -18.50 24.22
N LYS A 56 -14.48 -18.56 24.38
CA LYS A 56 -13.67 -19.69 23.95
C LYS A 56 -13.08 -20.37 25.18
N LYS A 57 -13.12 -21.70 25.17
CA LYS A 57 -12.66 -22.51 26.28
C LYS A 57 -11.57 -23.42 25.75
N VAL A 58 -10.41 -23.41 26.42
CA VAL A 58 -9.37 -24.35 26.03
C VAL A 58 -9.82 -25.75 26.41
N THR A 59 -9.79 -26.64 25.44
CA THR A 59 -10.25 -28.02 25.57
C THR A 59 -9.10 -28.98 25.82
N GLU A 60 -7.94 -28.68 25.25
CA GLU A 60 -6.77 -29.53 25.37
C GLU A 60 -5.57 -28.72 24.92
N HIS A 61 -4.47 -28.89 25.63
CA HIS A 61 -3.20 -28.27 25.28
C HIS A 61 -2.22 -29.37 24.95
N GLU A 62 -1.78 -29.42 23.69
CA GLU A 62 -0.73 -30.32 23.25
C GLU A 62 0.53 -29.52 23.02
N LYS A 63 1.65 -29.97 23.59
CA LYS A 63 2.94 -29.33 23.36
C LYS A 63 3.68 -30.09 22.26
N CYS A 64 4.12 -29.37 21.24
CA CYS A 64 4.85 -29.99 20.14
C CYS A 64 6.21 -30.49 20.60
N THR A 65 6.59 -31.66 20.11
CA THR A 65 7.76 -32.40 20.56
C THR A 65 9.05 -32.00 19.84
N THR A 66 9.01 -30.90 19.08
CA THR A 66 9.99 -30.55 18.05
C THR A 66 11.43 -30.96 18.39
N SER A 67 12.06 -31.69 17.46
CA SER A 67 13.40 -32.20 17.65
C SER A 67 14.42 -31.08 17.59
N ILE A 68 15.32 -31.02 18.58
CA ILE A 68 16.31 -29.95 18.74
C ILE A 68 17.13 -29.78 17.45
N MET A 69 16.74 -30.49 16.39
CA MET A 69 17.34 -30.42 15.08
C MET A 69 16.50 -29.56 14.14
N LEU A 72 14.70 -27.47 15.46
CA LEU A 72 14.75 -26.07 15.88
C LEU A 72 16.01 -25.37 15.40
N THR A 73 17.19 -26.00 15.59
CA THR A 73 18.43 -25.41 15.09
C THR A 73 18.35 -25.18 13.58
N ALA A 74 18.07 -26.24 12.83
CA ALA A 74 17.43 -26.06 11.53
C ALA A 74 15.99 -25.67 11.80
N PHE A 75 15.53 -24.67 11.05
CA PHE A 75 14.38 -23.79 11.33
C PHE A 75 14.96 -22.45 11.73
N PHE A 76 15.65 -22.43 12.87
CA PHE A 76 16.52 -21.30 13.17
C PHE A 76 17.53 -21.11 12.05
N GLY A 77 18.00 -22.21 11.46
CA GLY A 77 18.65 -22.17 10.16
C GLY A 77 17.61 -22.11 9.05
N VAL A 78 16.87 -23.20 8.84
CA VAL A 78 15.83 -23.35 7.82
C VAL A 78 15.26 -24.77 7.89
N MET A 79 14.22 -25.08 7.07
CA MET A 79 13.41 -26.30 7.10
C MET A 79 14.22 -27.58 7.30
N PRO A 80 13.63 -28.67 7.84
CA PRO A 80 14.39 -29.92 7.96
C PRO A 80 13.86 -31.12 7.18
N ARG A 81 14.56 -32.25 7.39
CA ARG A 81 14.27 -33.64 7.01
C ARG A 81 13.31 -33.90 5.86
N GLY A 82 12.67 -35.06 5.92
CA GLY A 82 11.58 -35.41 5.04
C GLY A 82 10.32 -35.22 5.85
N THR A 83 9.81 -34.01 5.79
CA THR A 83 8.67 -33.62 6.59
C THR A 83 7.41 -33.78 5.74
N THR A 84 6.46 -34.54 6.27
CA THR A 84 5.24 -34.83 5.53
C THR A 84 4.41 -33.57 5.35
N PRO A 85 4.05 -33.19 4.12
CA PRO A 85 3.08 -32.10 3.95
C PRO A 85 1.76 -32.43 4.63
N ARG A 86 1.09 -31.39 5.14
CA ARG A 86 -0.19 -31.56 5.83
C ARG A 86 -1.19 -30.50 5.38
N ALA A 87 -2.38 -30.94 5.02
CA ALA A 87 -3.42 -30.01 4.66
C ALA A 87 -3.84 -29.20 5.88
N PRO A 88 -4.04 -27.89 5.74
CA PRO A 88 -4.25 -27.03 6.93
C PRO A 88 -5.59 -27.26 7.64
N VAL A 89 -6.47 -28.10 7.10
CA VAL A 89 -7.68 -28.47 7.81
C VAL A 89 -7.44 -29.58 8.84
N ARG A 90 -6.32 -30.29 8.75
CA ARG A 90 -6.15 -31.51 9.54
C ARG A 90 -5.64 -31.17 10.95
N PHE A 91 -6.42 -30.35 11.64
CA PHE A 91 -6.16 -29.96 13.01
C PHE A 91 -7.48 -29.92 13.75
N PRO A 92 -7.44 -29.98 15.08
CA PRO A 92 -8.61 -29.55 15.85
C PRO A 92 -8.78 -28.04 15.74
N THR A 93 -10.02 -27.59 15.92
CA THR A 93 -10.29 -26.16 16.02
C THR A 93 -9.42 -25.62 17.12
N SER A 94 -8.47 -24.74 16.80
CA SER A 94 -7.39 -24.54 17.75
C SER A 94 -6.69 -23.21 17.50
N LEU A 95 -5.91 -22.83 18.51
CA LEU A 95 -4.97 -21.71 18.42
C LEU A 95 -3.56 -22.28 18.46
N LEU A 96 -2.73 -21.87 17.50
CA LEU A 96 -1.39 -22.44 17.34
C LEU A 96 -0.34 -21.41 17.79
N LYS A 97 0.31 -21.69 18.92
CA LYS A 97 1.43 -20.86 19.36
C LYS A 97 2.64 -21.08 18.46
N ILE A 98 3.23 -19.99 17.97
CA ILE A 98 4.28 -20.06 16.97
C ILE A 98 5.53 -19.38 17.49
N ARG A 99 6.68 -20.01 17.24
CA ARG A 99 7.97 -19.37 17.46
C ARG A 99 8.74 -19.34 16.14
N ARG A 100 9.31 -18.18 15.84
CA ARG A 100 10.03 -17.93 14.60
C ARG A 100 11.22 -17.09 15.03
N GLY A 101 12.38 -17.75 15.16
CA GLY A 101 13.56 -17.06 15.65
C GLY A 101 13.37 -16.64 17.09
N LEU A 102 13.57 -15.35 17.36
CA LEU A 102 13.36 -14.77 18.67
C LEU A 102 11.96 -14.22 18.86
N GLU A 103 11.09 -14.33 17.87
CA GLU A 103 9.77 -13.73 17.91
C GLU A 103 8.72 -14.81 18.09
N THR A 104 7.65 -14.46 18.79
CA THR A 104 6.53 -15.36 18.97
C THR A 104 5.25 -14.71 18.45
N GLY A 105 4.24 -15.55 18.26
CA GLY A 105 2.96 -15.08 17.78
C GLY A 105 2.02 -16.26 17.65
N TRP A 106 0.94 -16.06 16.89
CA TRP A 106 -0.11 -17.07 16.89
C TRP A 106 -0.67 -17.28 15.51
N ALA A 107 -1.36 -18.40 15.37
CA ALA A 107 -2.12 -18.71 14.19
C ALA A 107 -3.37 -19.46 14.64
N TYR A 108 -4.36 -19.53 13.77
CA TYR A 108 -5.64 -20.12 14.15
C TYR A 108 -6.27 -20.84 12.97
N THR A 109 -6.93 -21.94 13.30
CA THR A 109 -7.63 -22.71 12.28
C THR A 109 -8.98 -22.08 12.00
N HIS A 110 -9.43 -22.29 10.78
CA HIS A 110 -10.76 -21.91 10.34
C HIS A 110 -11.14 -22.85 9.21
N GLN A 111 -12.28 -22.57 8.58
CA GLN A 111 -12.78 -23.47 7.55
C GLN A 111 -11.81 -23.54 6.37
N GLY A 112 -11.13 -22.45 6.05
CA GLY A 112 -10.26 -22.37 4.90
C GLY A 112 -8.84 -22.81 5.18
N GLY A 113 -8.58 -23.37 6.35
CA GLY A 113 -7.24 -23.73 6.75
C GLY A 113 -6.78 -23.02 8.00
N ILE A 114 -5.65 -22.33 7.89
CA ILE A 114 -5.01 -21.67 9.02
C ILE A 114 -4.56 -20.29 8.55
N SER A 115 -4.77 -19.28 9.41
CA SER A 115 -4.36 -17.90 9.15
C SER A 115 -3.41 -17.38 10.21
N SER A 116 -2.52 -16.48 9.82
CA SER A 116 -1.66 -15.78 10.76
C SER A 116 -1.28 -14.43 10.12
N VAL A 117 -0.25 -13.79 10.64
CA VAL A 117 0.17 -12.49 10.11
C VAL A 117 1.62 -12.56 9.62
N ASP A 118 1.91 -11.80 8.54
CA ASP A 118 3.24 -11.87 7.93
C ASP A 118 4.37 -11.58 8.90
N HIS A 119 4.14 -10.68 9.89
CA HIS A 119 5.30 -10.36 10.72
C HIS A 119 5.59 -11.44 11.76
N VAL A 120 4.72 -12.44 11.91
CA VAL A 120 5.01 -13.63 12.71
C VAL A 120 5.59 -14.75 11.84
N THR A 121 5.08 -14.96 10.61
CA THR A 121 5.48 -16.10 9.80
C THR A 121 6.44 -15.77 8.66
N CYS A 122 6.57 -14.50 8.27
CA CYS A 122 7.27 -14.05 7.05
C CYS A 122 6.74 -14.74 5.78
N GLY A 123 5.52 -15.25 5.82
CA GLY A 123 4.97 -16.03 4.72
C GLY A 123 5.68 -17.35 4.43
N LYS A 124 6.37 -17.95 5.39
CA LYS A 124 7.04 -19.24 5.20
C LYS A 124 6.19 -20.39 5.75
N ASP A 125 6.48 -21.60 5.25
CA ASP A 125 5.76 -22.78 5.68
C ASP A 125 5.97 -23.05 7.17
N LEU A 126 4.96 -23.66 7.79
CA LEU A 126 5.01 -23.97 9.20
C LEU A 126 5.60 -25.36 9.43
N LEU A 127 6.47 -25.46 10.42
CA LEU A 127 6.92 -26.75 10.94
C LEU A 127 6.04 -27.09 12.12
N VAL A 128 5.31 -28.20 12.01
CA VAL A 128 4.45 -28.70 13.08
C VAL A 128 4.90 -30.11 13.44
N CYS A 129 5.32 -30.32 14.67
CA CYS A 129 5.73 -31.64 15.16
C CYS A 129 4.66 -32.13 16.14
N ASP A 130 3.63 -32.73 15.57
CA ASP A 130 2.38 -33.12 16.21
C ASP A 130 2.48 -34.53 16.78
N THR A 131 1.36 -34.97 17.38
CA THR A 131 1.04 -36.40 17.51
C THR A 131 0.67 -36.92 16.14
N MET A 132 1.56 -36.71 15.16
CA MET A 132 1.31 -36.99 13.76
C MET A 132 2.65 -36.94 13.06
N GLY A 133 3.70 -36.67 13.84
CA GLY A 133 5.05 -36.66 13.36
C GLY A 133 5.47 -35.30 12.83
N ARG A 134 6.59 -35.33 12.10
CA ARG A 134 7.09 -34.13 11.44
C ARG A 134 6.18 -33.75 10.29
N THR A 135 5.49 -32.63 10.42
CA THR A 135 4.59 -32.15 9.39
C THR A 135 4.98 -30.73 9.01
N ARG A 136 4.52 -30.30 7.84
CA ARG A 136 4.72 -28.94 7.37
C ARG A 136 3.43 -28.46 6.71
N VAL A 137 3.05 -27.21 7.01
CA VAL A 137 1.85 -26.58 6.47
C VAL A 137 2.29 -25.48 5.51
N VAL A 138 1.78 -25.53 4.29
CA VAL A 138 2.27 -24.70 3.18
C VAL A 138 1.57 -23.34 3.22
N CYS A 139 2.37 -22.27 3.25
CA CYS A 139 1.84 -20.91 3.10
C CYS A 139 1.39 -20.70 1.66
N GLN A 140 0.09 -20.52 1.47
CA GLN A 140 -0.49 -20.42 0.14
C GLN A 140 -0.58 -18.98 -0.38
N SER A 141 -0.62 -17.99 0.51
CA SER A 141 -0.53 -16.60 0.09
C SER A 141 -0.02 -15.75 1.24
N ASN A 142 0.57 -14.60 0.89
CA ASN A 142 1.19 -13.71 1.86
C ASN A 142 1.12 -12.29 1.34
N ASN A 143 0.74 -11.37 2.22
CA ASN A 143 0.67 -9.96 1.89
C ASN A 143 1.39 -9.21 3.02
N LYS A 144 2.62 -8.75 2.76
CA LYS A 144 3.40 -8.07 3.77
C LYS A 144 2.90 -6.66 4.05
N MET A 145 2.02 -6.14 3.18
CA MET A 145 1.42 -4.83 3.39
C MET A 145 0.25 -4.90 4.37
N THR A 146 -0.70 -5.80 4.12
CA THR A 146 -1.80 -6.03 5.06
C THR A 146 -1.40 -6.91 6.24
N ASP A 147 -0.18 -7.43 6.25
CA ASP A 147 0.33 -8.27 7.35
C ASP A 147 -0.49 -9.55 7.55
N GLU A 148 -0.89 -10.21 6.44
CA GLU A 148 -1.64 -11.46 6.52
C GLU A 148 -0.90 -12.56 5.77
N SER A 149 -0.89 -13.75 6.35
CA SER A 149 -0.43 -14.96 5.68
C SER A 149 -1.53 -16.02 5.79
N GLU A 150 -1.81 -16.68 4.67
CA GLU A 150 -2.89 -17.67 4.58
C GLU A 150 -2.28 -19.05 4.32
N TYR A 151 -2.56 -20.00 5.21
CA TYR A 151 -2.24 -21.42 5.02
C TYR A 151 -3.54 -22.11 4.62
N GLY A 152 -3.94 -21.85 3.38
CA GLY A 152 -5.29 -22.10 2.95
C GLY A 152 -5.85 -20.86 2.31
N VAL A 153 -7.16 -20.61 2.49
CA VAL A 153 -7.86 -19.49 1.90
C VAL A 153 -8.62 -18.74 3.00
N LYS A 154 -8.50 -17.42 3.00
CA LYS A 154 -9.03 -16.56 4.06
C LYS A 154 -10.55 -16.70 4.15
N THR A 155 -11.05 -16.73 5.40
CA THR A 155 -12.49 -16.87 5.66
C THR A 155 -13.01 -15.93 6.74
N ASP A 156 -12.28 -14.86 7.09
CA ASP A 156 -12.70 -13.97 8.18
C ASP A 156 -14.01 -13.25 7.84
N SER A 157 -14.94 -13.20 8.80
CA SER A 157 -16.20 -12.52 8.52
C SER A 157 -16.05 -11.02 8.74
N GLY A 158 -17.00 -10.29 8.16
CA GLY A 158 -17.06 -8.86 8.41
C GLY A 158 -17.70 -8.56 9.75
N CYS A 159 -17.23 -7.47 10.35
CA CYS A 159 -17.65 -7.05 11.67
C CYS A 159 -18.59 -5.87 11.57
N PRO A 160 -19.76 -5.91 12.16
CA PRO A 160 -20.60 -4.71 12.21
C PRO A 160 -19.95 -3.62 13.07
N GLU A 161 -20.05 -2.38 12.59
CA GLU A 161 -19.58 -1.24 13.37
C GLU A 161 -20.29 -1.20 14.71
N GLY A 162 -19.52 -0.91 15.76
CA GLY A 162 -20.05 -0.91 17.12
C GLY A 162 -19.98 -2.25 17.84
N ALA A 163 -19.69 -3.35 17.14
CA ALA A 163 -19.77 -4.65 17.77
C ALA A 163 -18.75 -4.79 18.90
N ARG A 164 -19.20 -5.41 19.98
CA ARG A 164 -18.31 -5.92 21.02
C ARG A 164 -17.61 -7.18 20.53
N CYS A 165 -16.29 -7.18 20.64
CA CYS A 165 -15.44 -8.28 20.23
C CYS A 165 -14.44 -8.56 21.32
N TYR A 166 -13.60 -9.57 21.10
CA TYR A 166 -12.56 -9.84 22.07
C TYR A 166 -11.45 -10.63 21.42
N VAL A 167 -10.27 -10.56 22.02
CA VAL A 167 -9.18 -11.45 21.71
C VAL A 167 -8.93 -12.34 22.92
N PHE A 168 -8.83 -13.63 22.68
CA PHE A 168 -8.59 -14.62 23.73
C PHE A 168 -7.20 -15.20 23.54
N ASN A 169 -6.38 -15.14 24.58
CA ASN A 169 -5.04 -15.69 24.54
C ASN A 169 -4.99 -16.88 25.51
N PRO A 170 -4.82 -18.10 25.01
CA PRO A 170 -4.90 -19.26 25.91
C PRO A 170 -3.82 -19.31 26.98
N GLU A 171 -2.72 -18.56 26.82
CA GLU A 171 -1.59 -18.58 27.73
C GLU A 171 -1.59 -17.45 28.74
N ALA A 172 -2.26 -16.34 28.45
CA ALA A 172 -2.26 -15.19 29.35
C ALA A 172 -3.15 -15.46 30.56
N VAL A 173 -2.79 -14.86 31.70
CA VAL A 173 -3.51 -15.04 32.97
C VAL A 173 -4.50 -13.90 33.14
N ASN A 174 -5.73 -14.24 33.54
CA ASN A 174 -6.81 -13.27 33.75
C ASN A 174 -6.76 -12.75 35.18
N ILE A 175 -7.68 -11.82 35.53
CA ILE A 175 -7.70 -11.22 36.88
C ILE A 175 -8.06 -12.23 37.96
N SER A 176 -8.52 -13.42 37.61
CA SER A 176 -8.81 -14.42 38.62
C SER A 176 -7.72 -15.48 38.72
N GLY A 177 -6.52 -15.16 38.27
CA GLY A 177 -5.35 -16.02 38.43
C GLY A 177 -5.31 -17.25 37.56
N THR A 178 -6.33 -17.49 36.76
CA THR A 178 -6.46 -18.59 35.82
C THR A 178 -5.84 -18.21 34.48
N LYS A 179 -5.45 -19.21 33.69
CA LYS A 179 -4.83 -18.92 32.41
C LYS A 179 -5.84 -19.10 31.26
N GLY A 180 -5.70 -18.23 30.26
CA GLY A 180 -6.77 -17.98 29.31
C GLY A 180 -7.46 -16.66 29.59
N ALA A 181 -7.05 -15.59 28.89
CA ALA A 181 -7.51 -14.25 29.20
C ALA A 181 -8.07 -13.57 27.96
N MET A 182 -9.03 -12.70 28.20
CA MET A 182 -9.70 -11.97 27.15
C MET A 182 -9.31 -10.50 27.25
N VAL A 183 -8.99 -9.92 26.11
CA VAL A 183 -8.99 -8.47 25.95
C VAL A 183 -10.26 -8.12 25.20
N HIS A 184 -11.12 -7.34 25.84
CA HIS A 184 -12.38 -6.95 25.23
C HIS A 184 -12.16 -5.75 24.32
N LEU A 185 -12.98 -5.67 23.28
CA LEU A 185 -12.83 -4.67 22.24
C LEU A 185 -14.19 -4.16 21.81
N GLN A 186 -14.19 -2.97 21.26
CA GLN A 186 -15.35 -2.46 20.54
C GLN A 186 -14.90 -1.96 19.18
N LYS A 187 -15.60 -2.37 18.13
CA LYS A 187 -15.27 -1.91 16.78
C LYS A 187 -15.68 -0.47 16.65
N THR A 188 -14.70 0.38 16.36
CA THR A 188 -14.88 1.82 16.26
C THR A 188 -14.26 2.25 14.92
N GLY A 189 -15.03 2.06 13.85
CA GLY A 189 -14.50 2.42 12.54
C GLY A 189 -13.42 1.43 12.14
N GLY A 190 -12.32 1.97 11.63
CA GLY A 190 -11.25 1.17 11.05
C GLY A 190 -10.27 0.60 12.06
N GLU A 191 -10.71 0.46 13.31
CA GLU A 191 -9.86 -0.09 14.36
C GLU A 191 -10.74 -0.64 15.46
N PHE A 192 -10.10 -1.32 16.42
CA PHE A 192 -10.79 -1.80 17.61
C PHE A 192 -10.29 -1.03 18.81
N THR A 193 -11.21 -0.53 19.61
CA THR A 193 -10.86 0.19 20.83
C THR A 193 -10.90 -0.79 21.98
N CYS A 194 -9.83 -0.83 22.78
CA CYS A 194 -9.81 -1.72 23.93
C CYS A 194 -10.70 -1.17 25.03
N VAL A 195 -11.47 -2.08 25.65
CA VAL A 195 -12.40 -1.74 26.71
C VAL A 195 -12.32 -2.81 27.78
N THR A 196 -12.72 -2.43 28.99
CA THR A 196 -12.95 -3.41 30.05
C THR A 196 -14.12 -4.32 29.64
N ALA A 197 -14.32 -5.40 30.41
CA ALA A 197 -15.49 -6.25 30.21
C ALA A 197 -16.81 -5.47 30.27
N SER A 198 -16.86 -4.36 31.00
CA SER A 198 -18.08 -3.56 31.09
C SER A 198 -18.13 -2.43 30.07
N GLY A 199 -17.18 -2.35 29.15
CA GLY A 199 -17.27 -1.41 28.04
C GLY A 199 -16.65 -0.04 28.25
N THR A 200 -16.01 0.21 29.39
CA THR A 200 -15.29 1.46 29.58
C THR A 200 -13.89 1.37 28.98
N PRO A 201 -13.26 2.49 28.65
CA PRO A 201 -12.00 2.42 27.90
C PRO A 201 -10.89 1.79 28.71
N ALA A 202 -9.99 1.07 28.02
CA ALA A 202 -8.92 0.33 28.67
C ALA A 202 -7.56 0.66 28.06
N PHE A 203 -6.54 0.70 28.91
CA PHE A 203 -5.17 0.91 28.47
C PHE A 203 -4.35 -0.37 28.67
N PHE A 204 -3.56 -0.73 27.67
CA PHE A 204 -2.56 -1.78 27.82
C PHE A 204 -1.24 -1.25 27.32
N ASP A 205 -0.20 -1.36 28.15
CA ASP A 205 1.16 -1.21 27.65
C ASP A 205 1.38 -2.21 26.52
N LEU A 206 1.96 -1.72 25.43
CA LEU A 206 2.11 -2.58 24.25
C LEU A 206 3.03 -3.76 24.55
N LYS A 207 4.01 -3.55 25.44
CA LYS A 207 4.81 -4.66 25.95
C LYS A 207 3.94 -5.76 26.56
N ASN A 208 2.74 -5.42 27.07
CA ASN A 208 1.88 -6.46 27.63
C ASN A 208 1.05 -7.18 26.58
N LEU A 209 1.06 -6.72 25.33
CA LEU A 209 0.35 -7.37 24.24
C LEU A 209 1.31 -7.97 23.24
N LYS A 210 2.60 -7.90 23.51
CA LYS A 210 3.60 -8.50 22.65
C LYS A 210 3.47 -10.02 22.67
N GLY A 211 3.50 -10.63 21.48
CA GLY A 211 3.30 -12.05 21.33
C GLY A 211 1.86 -12.45 21.06
N TRP A 212 0.92 -11.51 21.08
CA TRP A 212 -0.49 -11.75 20.79
C TRP A 212 -0.83 -11.68 19.31
N ALA A 213 0.08 -11.24 18.45
CA ALA A 213 -0.24 -11.06 17.04
C ALA A 213 -0.50 -12.41 16.38
N GLY A 214 -1.37 -12.40 15.38
CA GLY A 214 -1.87 -13.63 14.80
C GLY A 214 -3.09 -14.20 15.48
N LEU A 215 -3.41 -13.77 16.70
CA LEU A 215 -4.59 -14.31 17.37
C LEU A 215 -5.86 -13.83 16.67
N PRO A 216 -6.88 -14.67 16.57
CA PRO A 216 -8.13 -14.23 15.96
C PRO A 216 -8.88 -13.23 16.85
N ILE A 217 -9.65 -12.38 16.19
CA ILE A 217 -10.57 -11.48 16.86
C ILE A 217 -11.98 -12.03 16.69
N PHE A 218 -12.67 -12.29 17.79
CA PHE A 218 -14.01 -12.87 17.76
C PHE A 218 -15.08 -11.82 18.06
N GLU A 219 -16.18 -11.89 17.32
CA GLU A 219 -17.39 -11.16 17.68
C GLU A 219 -18.08 -11.85 18.85
N ALA A 220 -18.40 -11.08 19.89
CA ALA A 220 -18.86 -11.65 21.15
C ALA A 220 -20.23 -12.31 21.03
N SER A 221 -21.12 -11.73 20.23
CA SER A 221 -22.48 -12.29 20.17
C SER A 221 -22.50 -13.61 19.44
N SER A 222 -21.54 -13.84 18.54
CA SER A 222 -21.54 -15.04 17.71
C SER A 222 -20.38 -15.97 17.97
N GLY A 223 -19.21 -15.44 18.35
CA GLY A 223 -18.02 -16.26 18.35
C GLY A 223 -17.38 -16.45 16.99
N ARG A 224 -17.79 -15.69 15.98
CA ARG A 224 -17.17 -15.80 14.68
C ARG A 224 -15.90 -14.97 14.61
N VAL A 225 -14.93 -15.46 13.83
CA VAL A 225 -13.71 -14.71 13.64
C VAL A 225 -14.02 -13.53 12.75
N VAL A 226 -13.50 -12.37 13.11
CA VAL A 226 -13.89 -11.17 12.39
C VAL A 226 -12.63 -10.35 12.07
N GLY A 227 -11.46 -10.98 12.23
CA GLY A 227 -10.18 -10.32 12.04
C GLY A 227 -9.12 -11.01 12.88
N ARG A 228 -7.90 -10.44 12.83
CA ARG A 228 -6.76 -10.97 13.55
C ARG A 228 -5.86 -9.83 14.07
N VAL A 229 -5.15 -10.11 15.16
CA VAL A 229 -4.34 -9.08 15.80
C VAL A 229 -3.06 -8.87 15.00
N LYS A 230 -2.80 -7.61 14.66
CA LYS A 230 -1.61 -7.23 13.91
C LYS A 230 -0.85 -6.15 14.65
N VAL A 231 -1.49 -5.00 14.86
CA VAL A 231 -0.83 -3.77 15.28
C VAL A 231 -1.54 -3.21 16.50
N GLY A 232 -0.76 -2.63 17.41
CA GLY A 232 -1.26 -2.07 18.64
C GLY A 232 -0.83 -0.63 18.69
N LYS A 233 -1.73 0.26 19.06
CA LYS A 233 -1.45 1.68 19.03
C LYS A 233 -1.91 2.31 20.34
N ASN A 234 -0.98 3.00 21.02
CA ASN A 234 -1.31 3.85 22.16
C ASN A 234 -1.10 5.32 21.80
N GLU A 235 -1.93 6.17 22.37
CA GLU A 235 -1.89 7.59 22.03
C GLU A 235 -2.37 8.35 23.24
N ASP A 236 -1.73 9.47 23.51
CA ASP A 236 -1.88 10.17 24.78
C ASP A 236 -3.34 10.30 25.20
N SER A 237 -3.65 9.75 26.37
CA SER A 237 -4.96 9.80 27.03
C SER A 237 -6.06 9.13 26.22
N LYS A 238 -5.72 8.30 25.24
CA LYS A 238 -6.79 7.49 24.70
C LYS A 238 -6.65 6.04 25.12
N PRO A 239 -7.71 5.26 24.98
CA PRO A 239 -7.58 3.80 25.16
C PRO A 239 -6.72 3.19 24.06
N THR A 240 -6.11 2.06 24.41
CA THR A 240 -5.34 1.33 23.41
C THR A 240 -6.24 0.92 22.25
N LYS A 241 -5.70 0.95 21.05
CA LYS A 241 -6.42 0.45 19.87
C LYS A 241 -5.64 -0.71 19.27
N LEU A 242 -6.38 -1.74 18.85
CA LEU A 242 -5.84 -2.79 17.99
C LEU A 242 -6.27 -2.48 16.56
N MET A 243 -5.32 -2.53 15.64
CA MET A 243 -5.60 -2.24 14.25
C MET A 243 -5.40 -3.52 13.44
N SER A 244 -6.43 -3.89 12.67
CA SER A 244 -6.37 -5.13 11.91
C SER A 244 -6.58 -4.89 10.43
N GLY A 245 -6.58 -3.64 10.03
CA GLY A 245 -6.77 -3.28 8.65
C GLY A 245 -8.22 -3.11 8.34
N ILE A 246 -8.51 -3.07 7.04
CA ILE A 246 -9.86 -2.91 6.53
C ILE A 246 -10.07 -3.96 5.44
N GLN A 247 -11.33 -4.26 5.18
CA GLN A 247 -11.67 -5.20 4.11
C GLN A 247 -12.08 -4.40 2.87
N THR A 248 -11.35 -4.64 1.77
CA THR A 248 -11.53 -3.91 0.52
C THR A 248 -12.69 -4.49 -0.30
N VAL A 249 -13.52 -3.61 -0.83
CA VAL A 249 -14.73 -4.03 -1.53
C VAL A 249 -14.75 -3.49 -2.96
N THR A 257 -23.14 -3.34 -17.26
CA THR A 257 -23.70 -2.45 -18.28
C THR A 257 -24.90 -1.68 -17.74
N GLU A 258 -26.04 -2.37 -17.66
CA GLU A 258 -27.23 -1.79 -17.04
C GLU A 258 -27.00 -1.61 -15.54
N MET A 259 -26.02 -0.74 -15.19
CA MET A 259 -25.74 -0.37 -13.82
C MET A 259 -25.89 1.13 -13.58
N VAL A 260 -26.05 1.92 -14.64
CA VAL A 260 -26.34 3.34 -14.50
C VAL A 260 -27.63 3.58 -13.72
N LYS A 261 -28.46 2.55 -13.58
CA LYS A 261 -29.69 2.68 -12.81
C LYS A 261 -29.36 2.85 -11.33
N LYS A 262 -28.44 2.04 -10.80
CA LYS A 262 -28.06 2.14 -9.40
C LYS A 262 -27.38 3.47 -9.11
N ILE A 263 -26.54 3.94 -10.03
CA ILE A 263 -25.87 5.23 -9.84
C ILE A 263 -26.87 6.38 -9.81
N THR A 264 -27.98 6.28 -10.54
CA THR A 264 -28.95 7.37 -10.61
C THR A 264 -29.86 7.46 -9.38
N THR A 265 -30.07 6.36 -8.65
CA THR A 265 -30.88 6.44 -7.43
C THR A 265 -30.16 7.15 -6.28
N MET A 266 -28.83 7.30 -6.35
CA MET A 266 -28.03 7.70 -5.21
C MET A 266 -28.44 9.06 -4.65
N ASN A 267 -28.44 9.16 -3.33
CA ASN A 267 -28.62 10.43 -2.64
C ASN A 267 -27.30 10.97 -2.15
N ARG A 268 -27.26 12.28 -1.90
CA ARG A 268 -26.05 12.93 -1.41
C ARG A 268 -25.67 12.35 -0.06
N GLY A 269 -24.38 12.00 0.08
CA GLY A 269 -23.90 11.24 1.21
C GLY A 269 -23.66 9.76 0.95
N GLU A 270 -23.89 9.29 -0.27
CA GLU A 270 -23.68 7.89 -0.65
C GLU A 270 -22.47 7.73 -1.56
N PHE A 271 -21.92 6.52 -1.55
CA PHE A 271 -20.74 6.16 -2.34
C PHE A 271 -20.95 4.80 -3.02
N ARG A 272 -20.45 4.68 -4.26
CA ARG A 272 -20.46 3.39 -4.95
C ARG A 272 -19.19 3.20 -5.75
N GLN A 273 -18.63 2.00 -5.68
CA GLN A 273 -17.45 1.65 -6.45
C GLN A 273 -17.86 0.80 -7.65
N ILE A 274 -17.22 1.07 -8.80
CA ILE A 274 -17.50 0.42 -10.07
C ILE A 274 -16.23 -0.24 -10.59
N THR A 275 -16.32 -1.50 -10.97
CA THR A 275 -15.32 -2.15 -11.82
C THR A 275 -15.91 -2.27 -13.23
N LEU A 276 -15.16 -1.85 -14.24
CA LEU A 276 -15.64 -1.91 -15.61
C LEU A 276 -14.55 -2.41 -16.55
N ALA A 277 -14.99 -3.00 -17.65
CA ALA A 277 -14.07 -3.59 -18.62
C ALA A 277 -13.18 -2.53 -19.25
N THR A 278 -11.99 -2.97 -19.69
CA THR A 278 -11.02 -2.07 -20.32
C THR A 278 -11.42 -1.66 -21.74
N GLY A 279 -12.71 -1.44 -21.97
CA GLY A 279 -13.21 -1.09 -23.29
C GLY A 279 -14.63 -0.55 -23.24
N ALA A 280 -15.30 -0.75 -22.10
CA ALA A 280 -16.65 -0.22 -21.90
C ALA A 280 -16.68 1.30 -21.73
N GLY A 281 -15.54 1.97 -21.94
CA GLY A 281 -15.42 3.40 -21.79
C GLY A 281 -16.08 3.93 -20.53
N LYS A 282 -15.66 3.39 -19.38
CA LYS A 282 -16.17 3.87 -18.10
C LYS A 282 -16.10 5.38 -18.00
N THR A 283 -15.10 6.00 -18.64
CA THR A 283 -14.96 7.44 -18.65
C THR A 283 -15.88 8.11 -19.67
N THR A 284 -16.48 7.34 -20.56
CA THR A 284 -17.24 7.91 -21.68
C THR A 284 -18.74 7.70 -21.50
N GLU A 285 -19.20 6.48 -21.77
CA GLU A 285 -20.63 6.22 -21.85
C GLU A 285 -21.29 6.30 -20.48
N LEU A 286 -20.57 5.88 -19.42
CA LEU A 286 -21.15 5.87 -18.09
C LEU A 286 -21.49 7.26 -17.57
N PRO A 287 -20.56 8.23 -17.58
CA PRO A 287 -20.98 9.60 -17.24
C PRO A 287 -21.96 10.19 -18.24
N ARG A 288 -21.89 9.78 -19.51
CA ARG A 288 -22.80 10.33 -20.49
C ARG A 288 -24.21 9.80 -20.27
N SER A 289 -24.33 8.47 -20.13
CA SER A 289 -25.61 7.87 -19.78
C SER A 289 -26.21 8.51 -18.53
N VAL A 290 -25.36 8.85 -17.57
CA VAL A 290 -25.84 9.36 -16.30
C VAL A 290 -26.36 10.79 -16.44
N ILE A 291 -25.59 11.66 -17.09
CA ILE A 291 -26.08 13.03 -17.28
C ILE A 291 -27.30 13.03 -18.19
N GLU A 292 -27.47 12.00 -19.02
CA GLU A 292 -28.68 11.84 -19.83
C GLU A 292 -29.89 11.60 -18.95
N GLU A 293 -29.89 10.48 -18.20
CA GLU A 293 -31.06 10.15 -17.38
C GLU A 293 -31.39 11.25 -16.39
N ILE A 294 -30.38 11.90 -15.80
CA ILE A 294 -30.68 12.95 -14.83
C ILE A 294 -31.05 14.26 -15.54
N GLY A 295 -30.37 14.59 -16.62
CA GLY A 295 -30.64 15.85 -17.32
C GLY A 295 -29.40 16.59 -17.73
N ARG A 296 -29.25 16.83 -19.05
CA ARG A 296 -28.06 17.45 -19.63
C ARG A 296 -27.82 18.88 -19.15
N HIS A 297 -28.65 19.41 -18.25
CA HIS A 297 -28.39 20.71 -17.64
C HIS A 297 -27.65 20.60 -16.32
N LYS A 298 -27.74 19.45 -15.66
CA LYS A 298 -27.04 19.22 -14.41
C LYS A 298 -25.54 19.24 -14.64
N ARG A 299 -24.79 19.12 -13.54
CA ARG A 299 -23.34 19.12 -13.60
C ARG A 299 -22.80 17.81 -13.04
N VAL A 300 -22.05 17.10 -13.87
CA VAL A 300 -21.34 15.89 -13.48
C VAL A 300 -19.85 16.19 -13.55
N LEU A 301 -19.12 15.74 -12.54
CA LEU A 301 -17.67 15.85 -12.50
C LEU A 301 -17.06 14.47 -12.70
N VAL A 302 -16.00 14.43 -13.52
CA VAL A 302 -15.21 13.23 -13.77
C VAL A 302 -13.74 13.59 -13.60
N LEU A 303 -13.07 12.94 -12.66
CA LEU A 303 -11.69 13.22 -12.31
C LEU A 303 -10.79 12.13 -12.86
N ILE A 304 -9.71 12.54 -13.51
CA ILE A 304 -8.78 11.66 -14.18
C ILE A 304 -7.37 12.04 -13.74
N PRO A 305 -6.46 11.07 -13.54
CA PRO A 305 -5.11 11.40 -13.05
C PRO A 305 -4.35 12.40 -13.91
N LEU A 306 -4.16 12.11 -15.19
CA LEU A 306 -3.26 12.90 -16.02
C LEU A 306 -3.99 14.00 -16.79
N ARG A 307 -3.37 15.18 -16.86
CA ARG A 307 -3.93 16.29 -17.63
C ARG A 307 -4.16 15.88 -19.09
N ALA A 308 -3.25 15.10 -19.66
CA ALA A 308 -3.41 14.67 -21.05
C ALA A 308 -4.63 13.78 -21.23
N ALA A 309 -4.85 12.85 -20.29
CA ALA A 309 -5.97 11.92 -20.43
C ALA A 309 -7.30 12.64 -20.27
N ALA A 310 -7.38 13.57 -19.31
CA ALA A 310 -8.57 14.40 -19.16
C ALA A 310 -8.85 15.18 -20.43
N GLU A 311 -7.82 15.81 -21.00
CA GLU A 311 -8.02 16.64 -22.18
C GLU A 311 -8.44 15.79 -23.38
N SER A 312 -7.76 14.66 -23.59
CA SER A 312 -8.07 13.79 -24.72
C SER A 312 -9.50 13.31 -24.67
N VAL A 313 -9.93 12.79 -23.52
CA VAL A 313 -11.31 12.34 -23.35
C VAL A 313 -12.28 13.49 -23.61
N TYR A 314 -11.87 14.72 -23.27
CA TYR A 314 -12.80 15.85 -23.34
C TYR A 314 -13.10 16.26 -24.77
N GLN A 315 -12.24 15.89 -25.72
CA GLN A 315 -12.54 16.15 -27.12
C GLN A 315 -12.97 14.92 -27.90
N TYR A 316 -12.74 13.71 -27.39
CA TYR A 316 -13.39 12.55 -27.97
C TYR A 316 -14.88 12.53 -27.68
N MET A 317 -15.29 13.08 -26.53
CA MET A 317 -16.69 13.16 -26.12
C MET A 317 -17.36 14.41 -26.65
N ARG A 318 -16.64 15.53 -26.69
CA ARG A 318 -17.19 16.79 -27.17
C ARG A 318 -17.66 16.68 -28.61
N GLN A 319 -16.98 15.87 -29.43
CA GLN A 319 -17.39 15.66 -30.81
C GLN A 319 -18.52 14.65 -30.90
N LYS A 320 -18.30 13.45 -30.35
CA LYS A 320 -19.25 12.35 -30.58
C LYS A 320 -20.61 12.60 -29.95
N HIS A 321 -20.70 13.50 -28.96
CA HIS A 321 -21.97 13.78 -28.27
C HIS A 321 -22.24 15.28 -28.34
N PRO A 322 -22.74 15.75 -29.49
CA PRO A 322 -22.99 17.20 -29.64
C PRO A 322 -24.09 17.72 -28.73
N SER A 323 -25.03 16.86 -28.33
CA SER A 323 -26.14 17.33 -27.50
C SER A 323 -25.67 17.87 -26.15
N ILE A 324 -24.60 17.30 -25.60
CA ILE A 324 -24.17 17.57 -24.23
C ILE A 324 -23.09 18.64 -24.24
N ALA A 325 -23.18 19.57 -23.29
CA ALA A 325 -22.10 20.51 -23.05
C ALA A 325 -20.95 19.81 -22.33
N PHE A 326 -19.73 20.23 -22.62
CA PHE A 326 -18.54 19.61 -22.06
C PHE A 326 -17.56 20.70 -21.61
N ASN A 327 -16.97 20.50 -20.44
CA ASN A 327 -16.05 21.45 -19.84
C ASN A 327 -14.78 20.72 -19.43
N LEU A 328 -13.66 21.45 -19.42
CA LEU A 328 -12.37 20.86 -19.11
C LEU A 328 -11.60 21.78 -18.17
N ARG A 329 -11.08 21.21 -17.09
CA ARG A 329 -10.33 21.97 -16.07
C ARG A 329 -9.01 21.25 -15.81
N ILE A 330 -7.94 21.77 -16.41
CA ILE A 330 -6.58 21.32 -16.14
C ILE A 330 -5.62 22.47 -15.90
N GLY A 331 -6.11 23.72 -15.91
CA GLY A 331 -5.22 24.87 -15.79
C GLY A 331 -5.45 25.70 -14.54
N GLU A 332 -5.65 27.00 -14.73
CA GLU A 332 -5.88 27.92 -13.62
C GLU A 332 -7.28 27.74 -13.04
N MET A 333 -7.44 28.20 -11.81
CA MET A 333 -8.51 27.74 -10.93
C MET A 333 -9.92 28.04 -11.42
N LYS A 334 -10.10 28.98 -12.35
CA LYS A 334 -11.40 29.27 -12.95
C LYS A 334 -12.43 29.61 -11.85
N GLU A 335 -12.30 30.84 -11.35
CA GLU A 335 -13.02 31.26 -10.15
C GLU A 335 -14.51 31.41 -10.43
N GLY A 336 -15.33 30.88 -9.51
CA GLY A 336 -16.77 30.92 -9.64
C GLY A 336 -17.28 30.18 -10.87
N ASP A 337 -17.27 28.85 -10.81
CA ASP A 337 -17.54 28.00 -11.96
C ASP A 337 -18.82 27.20 -11.74
N MET A 338 -19.83 27.45 -12.60
CA MET A 338 -21.08 26.70 -12.58
C MET A 338 -21.41 26.13 -13.96
N ALA A 339 -20.38 25.86 -14.76
CA ALA A 339 -20.59 25.37 -16.11
C ALA A 339 -21.50 24.14 -16.09
N THR A 340 -22.39 24.08 -17.06
CA THR A 340 -23.34 23.00 -17.24
C THR A 340 -22.69 21.83 -17.97
N GLY A 341 -23.27 20.64 -17.80
CA GLY A 341 -22.80 19.47 -18.51
C GLY A 341 -21.77 18.66 -17.71
N ILE A 342 -20.98 17.90 -18.47
CA ILE A 342 -19.96 17.03 -17.90
C ILE A 342 -18.62 17.76 -17.89
N THR A 343 -18.01 17.87 -16.72
CA THR A 343 -16.68 18.46 -16.59
C THR A 343 -15.65 17.35 -16.40
N TYR A 344 -14.66 17.30 -17.29
CA TYR A 344 -13.47 16.49 -17.11
C TYR A 344 -12.40 17.34 -16.46
N ALA A 345 -11.84 16.86 -15.36
CA ALA A 345 -10.83 17.61 -14.64
C ALA A 345 -9.77 16.66 -14.12
N SER A 346 -8.58 17.20 -13.90
CA SER A 346 -7.54 16.48 -13.21
C SER A 346 -7.73 16.68 -11.71
N TYR A 347 -7.31 15.70 -10.94
CA TYR A 347 -7.34 15.89 -9.49
C TYR A 347 -6.48 17.08 -9.09
N GLY A 348 -5.32 17.24 -9.75
CA GLY A 348 -4.43 18.34 -9.41
C GLY A 348 -5.08 19.70 -9.56
N TYR A 349 -6.01 19.83 -10.51
CA TYR A 349 -6.73 21.10 -10.69
C TYR A 349 -7.36 21.55 -9.39
N PHE A 350 -7.94 20.62 -8.63
CA PHE A 350 -8.62 20.93 -7.38
C PHE A 350 -7.70 20.99 -6.17
N CYS A 351 -6.46 20.50 -6.28
CA CYS A 351 -5.53 20.63 -5.17
C CYS A 351 -5.05 22.07 -4.98
N GLN A 352 -5.17 22.91 -6.01
CA GLN A 352 -4.91 24.32 -5.85
C GLN A 352 -5.84 24.94 -4.81
N MET A 353 -7.07 24.43 -4.70
CA MET A 353 -8.10 25.14 -3.95
C MET A 353 -7.91 24.99 -2.45
N PRO A 354 -8.01 26.08 -1.69
CA PRO A 354 -8.24 25.96 -0.25
C PRO A 354 -9.54 25.22 0.03
N GLN A 355 -9.63 24.63 1.24
CA GLN A 355 -10.68 23.68 1.55
C GLN A 355 -12.12 24.21 1.44
N PRO A 356 -12.45 25.42 1.88
CA PRO A 356 -13.83 25.88 1.70
C PRO A 356 -14.19 26.20 0.27
N LYS A 357 -13.20 26.66 -0.52
CA LYS A 357 -13.42 26.80 -1.95
C LYS A 357 -13.64 25.44 -2.60
N LEU A 358 -12.82 24.45 -2.22
CA LEU A 358 -12.95 23.09 -2.75
C LEU A 358 -14.31 22.50 -2.42
N ARG A 359 -14.74 22.65 -1.17
CA ARG A 359 -16.05 22.16 -0.77
C ARG A 359 -17.16 22.93 -1.48
N ALA A 360 -17.03 24.27 -1.53
CA ALA A 360 -18.03 25.08 -2.22
C ALA A 360 -18.17 24.66 -3.67
N ALA A 361 -17.04 24.44 -4.35
CA ALA A 361 -17.08 24.01 -5.74
C ALA A 361 -17.60 22.57 -5.86
N MET A 362 -17.18 21.70 -4.94
CA MET A 362 -17.49 20.27 -5.04
C MET A 362 -18.99 20.02 -4.84
N VAL A 363 -19.63 20.76 -3.94
CA VAL A 363 -21.03 20.47 -3.67
C VAL A 363 -21.93 20.89 -4.82
N GLU A 364 -21.49 21.81 -5.67
CA GLU A 364 -22.26 22.25 -6.85
C GLU A 364 -22.30 21.21 -7.99
N TYR A 365 -21.78 19.98 -7.85
CA TYR A 365 -21.97 18.92 -8.82
C TYR A 365 -23.04 17.95 -8.34
N SER A 366 -23.83 17.45 -9.29
CA SER A 366 -24.74 16.36 -8.96
C SER A 366 -23.95 15.09 -8.65
N PHE A 367 -22.91 14.83 -9.44
CA PHE A 367 -22.14 13.60 -9.37
C PHE A 367 -20.65 13.85 -9.53
N ILE A 368 -19.84 13.06 -8.82
CA ILE A 368 -18.40 13.13 -8.88
C ILE A 368 -17.89 11.72 -9.16
N PHE A 369 -17.33 11.51 -10.35
CA PHE A 369 -16.72 10.24 -10.70
C PHE A 369 -15.21 10.33 -10.49
N LEU A 370 -14.67 9.35 -9.76
CA LEU A 370 -13.22 9.23 -9.53
C LEU A 370 -12.71 8.13 -10.45
N ASP A 371 -12.10 8.53 -11.55
CA ASP A 371 -11.58 7.55 -12.50
C ASP A 371 -10.19 7.08 -12.05
N GLU A 372 -9.84 5.85 -12.45
CA GLU A 372 -8.51 5.26 -12.23
C GLU A 372 -8.05 5.41 -10.78
N TYR A 373 -8.92 5.03 -9.84
CA TYR A 373 -8.57 5.22 -8.44
C TYR A 373 -7.46 4.27 -8.01
N HIS A 374 -7.26 3.17 -8.74
CA HIS A 374 -6.17 2.24 -8.44
C HIS A 374 -4.80 2.89 -8.55
N CYS A 375 -4.70 4.03 -9.25
CA CYS A 375 -3.42 4.72 -9.42
C CYS A 375 -2.90 5.32 -8.11
N ALA A 376 -3.78 5.78 -7.20
CA ALA A 376 -3.39 6.37 -5.93
C ALA A 376 -2.27 7.41 -6.07
N THR A 377 -2.46 8.35 -6.99
CA THR A 377 -1.53 9.46 -7.14
C THR A 377 -1.66 10.39 -5.92
N PRO A 378 -0.60 11.15 -5.59
CA PRO A 378 -0.71 12.11 -4.48
C PRO A 378 -1.93 13.01 -4.57
N GLU A 379 -2.23 13.52 -5.77
CA GLU A 379 -3.36 14.43 -5.94
C GLU A 379 -4.68 13.68 -5.78
N GLN A 380 -4.73 12.42 -6.24
CA GLN A 380 -5.89 11.58 -6.01
C GLN A 380 -6.12 11.38 -4.52
N LEU A 381 -5.10 10.93 -3.80
CA LEU A 381 -5.27 10.60 -2.38
C LEU A 381 -5.69 11.83 -1.59
N ALA A 382 -5.09 12.99 -1.89
CA ALA A 382 -5.44 14.19 -1.16
C ALA A 382 -6.87 14.60 -1.45
N ILE A 383 -7.29 14.50 -2.72
CA ILE A 383 -8.63 14.91 -3.10
C ILE A 383 -9.69 13.99 -2.49
N MET A 384 -9.45 12.68 -2.53
CA MET A 384 -10.37 11.74 -1.90
C MET A 384 -10.42 11.93 -0.39
N GLY A 385 -9.27 12.22 0.23
CA GLY A 385 -9.29 12.55 1.64
C GLY A 385 -10.02 13.86 1.90
N LYS A 386 -9.80 14.86 1.05
CA LYS A 386 -10.33 16.19 1.33
C LYS A 386 -11.84 16.24 1.10
N ILE A 387 -12.32 15.70 -0.02
CA ILE A 387 -13.76 15.77 -0.24
C ILE A 387 -14.50 14.87 0.76
N HIS A 388 -13.86 13.81 1.25
CA HIS A 388 -14.57 12.91 2.17
C HIS A 388 -14.95 13.59 3.47
N ARG A 389 -14.21 14.64 3.87
CA ARG A 389 -14.51 15.37 5.10
C ARG A 389 -15.89 16.04 5.03
N PHE A 390 -16.44 16.24 3.83
CA PHE A 390 -17.79 16.77 3.64
C PHE A 390 -18.60 15.88 2.71
N SER A 391 -18.39 14.56 2.78
CA SER A 391 -18.95 13.64 1.80
C SER A 391 -20.46 13.50 1.91
N GLU A 392 -21.07 13.93 3.01
CA GLU A 392 -22.51 13.75 3.17
C GLU A 392 -23.31 14.58 2.19
N ASN A 393 -22.67 15.53 1.50
CA ASN A 393 -23.32 16.37 0.50
C ASN A 393 -22.98 15.98 -0.95
N LEU A 394 -22.38 14.81 -1.16
CA LEU A 394 -21.92 14.42 -2.49
C LEU A 394 -22.43 13.02 -2.86
N ARG A 395 -22.53 12.78 -4.15
CA ARG A 395 -22.69 11.42 -4.67
C ARG A 395 -21.39 11.05 -5.37
N VAL A 396 -20.69 10.05 -4.85
CA VAL A 396 -19.35 9.74 -5.30
C VAL A 396 -19.31 8.32 -5.85
N VAL A 397 -18.81 8.18 -7.07
CA VAL A 397 -18.66 6.90 -7.74
C VAL A 397 -17.20 6.74 -8.15
N ALA A 398 -16.55 5.68 -7.66
CA ALA A 398 -15.15 5.41 -7.96
C ALA A 398 -15.06 4.22 -8.91
N MET A 399 -14.35 4.40 -10.03
CA MET A 399 -14.28 3.41 -11.11
C MET A 399 -12.84 3.05 -11.44
N THR A 400 -12.63 1.80 -11.85
CA THR A 400 -11.33 1.38 -12.38
C THR A 400 -11.40 0.34 -13.51
N HIS A 414 -7.05 -14.25 -27.90
CA HIS A 414 -5.98 -15.06 -28.47
C HIS A 414 -5.04 -15.64 -27.39
N PRO A 415 -4.32 -16.70 -27.71
CA PRO A 415 -3.46 -17.34 -26.69
C PRO A 415 -2.14 -16.60 -26.49
N ILE A 416 -1.72 -16.54 -25.24
CA ILE A 416 -0.42 -16.04 -24.86
C ILE A 416 0.37 -17.19 -24.26
N GLU A 417 1.40 -17.65 -24.97
CA GLU A 417 2.29 -18.70 -24.50
C GLU A 417 3.27 -18.09 -23.50
N GLU A 418 3.18 -18.50 -22.25
CA GLU A 418 4.02 -17.92 -21.21
C GLU A 418 5.22 -18.80 -20.92
N PHE A 419 6.33 -18.16 -20.55
CA PHE A 419 7.56 -18.86 -20.19
C PHE A 419 8.25 -18.12 -19.06
N ILE A 420 9.02 -18.87 -18.29
CA ILE A 420 9.91 -18.30 -17.30
C ILE A 420 11.29 -18.29 -17.91
N ALA A 421 11.85 -17.11 -18.05
CA ALA A 421 13.22 -17.02 -18.53
C ALA A 421 14.19 -17.06 -17.35
N PRO A 422 15.29 -17.79 -17.46
CA PRO A 422 16.22 -17.87 -16.34
C PRO A 422 17.11 -16.64 -16.25
N GLU A 423 17.53 -16.34 -15.02
CA GLU A 423 18.46 -15.24 -14.78
C GLU A 423 19.78 -15.55 -15.46
N VAL A 424 20.33 -14.58 -16.16
CA VAL A 424 21.58 -14.71 -16.88
C VAL A 424 22.73 -14.42 -15.93
N MET A 425 23.82 -15.18 -16.07
CA MET A 425 24.94 -15.08 -15.15
C MET A 425 25.64 -13.73 -15.20
N LYS A 426 25.33 -12.88 -16.20
CA LYS A 426 25.76 -11.50 -16.26
C LYS A 426 27.25 -11.40 -16.57
N GLY A 427 27.57 -11.28 -17.85
CA GLY A 427 28.93 -11.41 -18.32
C GLY A 427 29.34 -12.82 -18.68
N GLU A 428 28.50 -13.82 -18.40
CA GLU A 428 28.77 -15.19 -18.81
C GLU A 428 28.20 -15.46 -20.20
N ASP A 429 28.83 -16.39 -20.91
CA ASP A 429 28.26 -16.77 -22.19
C ASP A 429 27.01 -17.60 -21.96
N LEU A 430 26.08 -17.49 -22.90
CA LEU A 430 24.84 -18.24 -22.86
C LEU A 430 24.69 -19.20 -24.03
N GLY A 431 25.45 -19.00 -25.09
CA GLY A 431 25.34 -19.77 -26.31
C GLY A 431 24.98 -18.89 -27.48
N SER A 432 24.85 -19.53 -28.63
CA SER A 432 24.57 -18.86 -29.88
C SER A 432 23.07 -18.75 -30.19
N GLU A 433 22.21 -19.43 -29.42
CA GLU A 433 20.76 -19.37 -29.64
C GLU A 433 20.02 -18.66 -28.53
N TYR A 434 20.71 -18.19 -27.49
CA TYR A 434 20.12 -17.37 -26.44
C TYR A 434 20.89 -16.06 -26.30
N LEU A 435 20.18 -14.98 -25.96
CA LEU A 435 20.83 -13.72 -25.63
C LEU A 435 20.27 -13.12 -24.34
N ASP A 436 21.12 -12.34 -23.69
CA ASP A 436 20.75 -11.58 -22.51
C ASP A 436 19.85 -10.41 -22.90
N ILE A 437 18.61 -10.44 -22.45
CA ILE A 437 17.72 -9.30 -22.60
C ILE A 437 17.31 -8.89 -21.18
N ALA A 438 17.82 -7.75 -20.73
CA ALA A 438 17.50 -7.22 -19.41
C ALA A 438 17.86 -8.22 -18.30
N GLY A 439 18.91 -8.99 -18.51
CA GLY A 439 19.33 -9.96 -17.52
C GLY A 439 18.58 -11.27 -17.55
N LEU A 440 17.90 -11.58 -18.67
CA LEU A 440 17.07 -12.77 -18.80
C LEU A 440 17.46 -13.55 -20.06
N LYS A 441 17.49 -14.87 -19.94
CA LYS A 441 17.89 -15.75 -21.04
C LYS A 441 16.71 -15.92 -21.99
N ILE A 442 16.81 -15.33 -23.19
CA ILE A 442 15.72 -15.30 -24.15
C ILE A 442 16.22 -15.96 -25.43
N PRO A 443 15.47 -16.86 -26.04
CA PRO A 443 15.96 -17.51 -27.27
C PRO A 443 16.04 -16.52 -28.42
N VAL A 444 17.17 -16.55 -29.13
CA VAL A 444 17.49 -15.54 -30.15
C VAL A 444 16.40 -15.49 -31.21
N GLU A 445 15.64 -16.59 -31.35
CA GLU A 445 14.62 -16.65 -32.38
C GLU A 445 13.56 -15.58 -32.20
N GLU A 446 13.33 -15.14 -30.96
CA GLU A 446 12.31 -14.12 -30.72
C GLU A 446 12.75 -12.77 -31.28
N MET A 447 14.06 -12.56 -31.47
CA MET A 447 14.54 -11.29 -31.99
C MET A 447 14.03 -11.01 -33.40
N LYS A 448 13.59 -12.04 -34.12
CA LYS A 448 12.98 -11.90 -35.43
C LYS A 448 11.53 -11.51 -35.35
N SER A 449 11.10 -11.16 -34.16
CA SER A 449 9.72 -10.79 -33.90
C SER A 449 9.70 -9.37 -33.35
N ASN A 450 8.50 -8.82 -33.12
CA ASN A 450 8.33 -7.50 -32.54
C ASN A 450 8.18 -7.62 -31.02
N MET A 451 9.17 -7.09 -30.29
CA MET A 451 9.32 -7.34 -28.87
C MET A 451 9.16 -6.06 -28.04
N LEU A 452 8.52 -6.21 -26.88
CA LEU A 452 8.46 -5.21 -25.83
C LEU A 452 9.13 -5.78 -24.57
N VAL A 453 10.11 -5.05 -24.06
CA VAL A 453 10.83 -5.44 -22.86
C VAL A 453 10.48 -4.48 -21.74
N PHE A 454 10.05 -5.02 -20.59
CA PHE A 454 9.72 -4.22 -19.42
C PHE A 454 10.86 -4.29 -18.42
N VAL A 455 11.36 -3.13 -18.05
CA VAL A 455 12.61 -2.98 -17.33
C VAL A 455 12.30 -2.05 -16.17
N PRO A 456 12.95 -2.14 -15.01
CA PRO A 456 12.58 -1.27 -13.88
C PRO A 456 13.03 0.18 -14.00
N THR A 457 14.19 0.42 -14.60
CA THR A 457 14.81 1.73 -14.52
C THR A 457 15.07 2.32 -15.89
N ARG A 458 14.97 3.65 -15.93
CA ARG A 458 15.57 4.52 -16.95
C ARG A 458 16.86 3.95 -17.52
N ASN A 459 17.82 3.65 -16.63
CA ASN A 459 19.14 3.23 -17.07
C ASN A 459 19.08 1.90 -17.80
N MET A 460 18.44 0.90 -17.18
CA MET A 460 18.31 -0.41 -17.84
C MET A 460 17.66 -0.26 -19.20
N ALA A 461 16.67 0.62 -19.33
CA ALA A 461 16.02 0.81 -20.61
C ALA A 461 17.02 1.34 -21.64
N VAL A 462 17.78 2.37 -21.28
CA VAL A 462 18.75 2.95 -22.20
C VAL A 462 19.87 1.96 -22.51
N GLU A 463 20.45 1.33 -21.47
CA GLU A 463 21.58 0.41 -21.70
C GLU A 463 21.14 -0.83 -22.48
N THR A 464 19.92 -1.34 -22.23
CA THR A 464 19.49 -2.51 -22.99
C THR A 464 19.25 -2.16 -24.47
N ALA A 465 18.61 -1.02 -24.73
CA ALA A 465 18.39 -0.60 -26.12
C ALA A 465 19.73 -0.38 -26.82
N LYS A 466 20.74 0.06 -26.08
CA LYS A 466 22.01 0.42 -26.74
C LYS A 466 22.81 -0.83 -27.10
N LYS A 467 22.98 -1.79 -26.17
CA LYS A 467 23.70 -3.02 -26.51
C LYS A 467 22.95 -3.84 -27.56
N LEU A 468 21.63 -3.69 -27.66
CA LEU A 468 20.89 -4.36 -28.71
C LEU A 468 21.10 -3.72 -30.08
N LYS A 469 21.48 -2.44 -30.14
CA LYS A 469 21.89 -1.85 -31.41
C LYS A 469 23.34 -2.20 -31.75
N ALA A 470 24.22 -2.16 -30.74
CA ALA A 470 25.62 -2.52 -30.92
C ALA A 470 25.82 -3.97 -31.30
N LYS A 471 24.85 -4.83 -31.01
CA LYS A 471 24.83 -6.18 -31.53
C LYS A 471 23.97 -6.29 -32.78
N GLY A 472 23.43 -5.17 -33.27
CA GLY A 472 22.91 -5.07 -34.62
C GLY A 472 21.40 -5.07 -34.79
N TYR A 473 20.61 -5.00 -33.73
CA TYR A 473 19.16 -5.08 -33.85
C TYR A 473 18.53 -3.69 -33.82
N ASN A 474 17.28 -3.62 -34.28
CA ASN A 474 16.49 -2.38 -34.34
C ASN A 474 15.82 -2.09 -32.98
N SER A 475 16.60 -1.52 -32.06
CA SER A 475 16.13 -1.28 -30.70
C SER A 475 15.78 0.19 -30.47
N GLY A 476 14.88 0.43 -29.52
CA GLY A 476 14.60 1.76 -29.02
C GLY A 476 14.24 1.70 -27.54
N TYR A 477 14.11 2.86 -26.92
CA TYR A 477 13.78 2.90 -25.50
C TYR A 477 12.73 3.95 -25.21
N TYR A 478 12.08 3.76 -24.06
CA TYR A 478 11.07 4.69 -23.57
C TYR A 478 11.05 4.65 -22.06
N TYR A 479 10.98 5.85 -21.45
CA TYR A 479 10.82 5.98 -20.01
C TYR A 479 10.06 7.28 -19.76
N SER A 480 9.83 7.58 -18.48
CA SER A 480 8.90 8.67 -18.16
C SER A 480 9.46 10.00 -18.63
N GLY A 481 8.58 10.89 -19.08
CA GLY A 481 8.99 12.18 -19.59
C GLY A 481 9.51 12.15 -21.01
N GLU A 482 9.80 10.98 -21.56
CA GLU A 482 10.14 10.86 -22.97
C GLU A 482 8.91 11.10 -23.82
N ASP A 483 9.15 11.50 -25.06
CA ASP A 483 8.06 11.79 -25.97
C ASP A 483 7.69 10.55 -26.77
N PRO A 484 6.43 10.07 -26.68
CA PRO A 484 6.09 8.78 -27.29
C PRO A 484 6.29 8.73 -28.79
N SER A 485 6.30 9.88 -29.47
CA SER A 485 6.47 9.89 -30.93
C SER A 485 7.80 9.31 -31.35
N ASN A 486 8.82 9.43 -30.49
CA ASN A 486 10.17 9.00 -30.81
C ASN A 486 10.32 7.49 -31.05
N LEU A 487 9.28 6.69 -30.80
CA LEU A 487 9.39 5.27 -31.13
C LEU A 487 8.95 4.96 -32.56
N ARG A 488 8.28 5.90 -33.25
CA ARG A 488 7.79 5.60 -34.59
C ARG A 488 8.90 5.22 -35.57
N VAL A 489 10.12 5.71 -35.34
CA VAL A 489 11.23 5.28 -36.19
C VAL A 489 11.73 3.90 -35.83
N VAL A 490 11.53 3.44 -34.60
CA VAL A 490 11.88 2.07 -34.27
C VAL A 490 10.82 1.11 -34.82
N THR A 491 9.55 1.43 -34.60
CA THR A 491 8.49 0.47 -34.85
C THR A 491 8.12 0.35 -36.32
N SER A 492 8.56 1.30 -37.16
CA SER A 492 8.32 1.23 -38.59
C SER A 492 9.06 0.09 -39.26
N GLN A 493 10.10 -0.43 -38.63
CA GLN A 493 11.05 -1.36 -39.24
C GLN A 493 11.04 -2.66 -38.43
N SER A 494 10.35 -3.68 -38.94
CA SER A 494 10.28 -4.98 -38.28
C SER A 494 11.42 -5.89 -38.72
N PRO A 495 11.95 -6.70 -37.78
CA PRO A 495 11.57 -6.75 -36.36
C PRO A 495 12.15 -5.59 -35.53
N TYR A 496 11.34 -5.06 -34.62
CA TYR A 496 11.81 -4.06 -33.68
C TYR A 496 11.79 -4.64 -32.28
N VAL A 497 12.50 -3.96 -31.37
CA VAL A 497 12.43 -4.28 -29.94
C VAL A 497 12.45 -2.97 -29.18
N VAL A 498 11.41 -2.75 -28.39
CA VAL A 498 11.27 -1.58 -27.54
C VAL A 498 11.53 -2.00 -26.09
N VAL A 499 12.37 -1.23 -25.40
CA VAL A 499 12.70 -1.45 -24.00
C VAL A 499 12.10 -0.30 -23.22
N ALA A 500 11.29 -0.61 -22.20
CA ALA A 500 10.51 0.43 -21.54
C ALA A 500 10.37 0.15 -20.05
N THR A 501 10.19 1.24 -19.29
CA THR A 501 9.76 1.18 -17.89
C THR A 501 8.24 1.11 -17.83
N ASN A 502 7.70 1.13 -16.61
CA ASN A 502 6.23 1.18 -16.47
C ASN A 502 5.63 2.45 -17.08
N ALA A 503 6.44 3.46 -17.40
CA ALA A 503 5.92 4.70 -17.97
C ALA A 503 5.18 4.49 -19.29
N ILE A 504 5.48 3.43 -20.03
CA ILE A 504 4.80 3.16 -21.29
C ILE A 504 3.32 2.86 -21.11
N GLU A 505 2.85 2.66 -19.88
CA GLU A 505 1.48 2.21 -19.65
C GLU A 505 0.95 2.64 -18.30
N GLY A 507 0.28 5.54 -22.43
CA GLY A 507 -0.49 5.53 -23.67
C GLY A 507 0.37 5.58 -24.93
N VAL A 508 0.87 4.42 -25.35
CA VAL A 508 1.79 4.28 -26.48
C VAL A 508 1.31 3.12 -27.37
N THR A 509 1.73 3.14 -28.63
CA THR A 509 1.18 2.24 -29.65
C THR A 509 2.29 1.41 -30.28
N LEU A 510 2.28 0.10 -30.01
CA LEU A 510 3.31 -0.80 -30.49
C LEU A 510 2.73 -1.75 -31.53
N PRO A 511 2.76 -1.39 -32.80
CA PRO A 511 2.05 -2.18 -33.81
C PRO A 511 2.63 -3.57 -33.98
N ASP A 512 1.74 -4.54 -34.23
CA ASP A 512 2.15 -5.89 -34.59
C ASP A 512 3.01 -6.53 -33.48
N LEU A 513 2.67 -6.21 -32.23
CA LEU A 513 3.47 -6.68 -31.11
C LEU A 513 3.29 -8.20 -30.94
N ASP A 514 4.42 -8.91 -30.90
CA ASP A 514 4.41 -10.37 -30.80
C ASP A 514 4.74 -10.87 -29.39
N VAL A 515 5.88 -10.47 -28.83
CA VAL A 515 6.39 -11.05 -27.59
C VAL A 515 6.75 -9.96 -26.61
N VAL A 516 6.42 -10.19 -25.33
CA VAL A 516 6.82 -9.35 -24.22
C VAL A 516 7.87 -10.10 -23.40
N VAL A 517 8.91 -9.38 -22.99
CA VAL A 517 9.88 -9.86 -22.01
C VAL A 517 9.78 -8.97 -20.79
N ASP A 518 9.63 -9.58 -19.63
CA ASP A 518 9.18 -8.88 -18.43
C ASP A 518 10.09 -9.23 -17.28
N THR A 519 10.89 -8.26 -16.83
CA THR A 519 11.73 -8.48 -15.66
C THR A 519 10.93 -8.71 -14.38
N GLY A 520 9.63 -8.42 -14.36
CA GLY A 520 8.89 -8.48 -13.12
C GLY A 520 9.11 -7.30 -12.21
N LEU A 521 9.91 -6.31 -12.64
CA LEU A 521 10.40 -5.27 -11.75
C LEU A 521 9.92 -3.89 -12.17
N LYS A 522 9.96 -3.00 -11.19
CA LYS A 522 9.69 -1.58 -11.38
C LYS A 522 10.55 -0.81 -10.40
N CYS A 523 10.63 0.50 -10.59
CA CYS A 523 11.45 1.33 -9.72
C CYS A 523 10.62 2.54 -9.31
N GLU A 524 10.33 2.65 -8.00
CA GLU A 524 9.49 3.68 -7.41
C GLU A 524 10.13 4.21 -6.14
N LYS A 525 9.72 5.42 -5.75
CA LYS A 525 10.11 5.92 -4.44
C LYS A 525 9.47 5.08 -3.35
N ARG A 526 10.22 4.82 -2.30
CA ARG A 526 9.72 4.13 -1.13
C ARG A 526 10.14 4.93 0.09
N ILE A 527 9.39 4.76 1.18
CA ILE A 527 9.70 5.40 2.44
C ILE A 527 9.98 4.35 3.50
N ARG A 528 10.84 4.69 4.44
CA ARG A 528 10.97 3.94 5.67
C ARG A 528 10.85 4.92 6.83
N LEU A 529 10.14 4.52 7.87
CA LEU A 529 9.79 5.39 8.96
C LEU A 529 10.48 4.88 10.22
N SER A 530 10.82 5.81 11.11
CA SER A 530 11.60 5.43 12.29
C SER A 530 11.31 6.41 13.42
N SER A 531 11.46 5.89 14.64
CA SER A 531 11.45 6.68 15.88
C SER A 531 12.72 7.49 16.08
N LYS A 532 13.78 7.21 15.32
CA LYS A 532 15.03 7.95 15.40
C LYS A 532 15.14 8.87 14.20
N MET A 533 15.56 10.11 14.45
CA MET A 533 15.67 11.09 13.38
C MET A 533 16.82 10.73 12.44
N PRO A 534 16.61 10.90 11.13
CA PRO A 534 15.35 11.40 10.54
C PRO A 534 14.23 10.35 10.55
N PHE A 535 13.04 10.78 11.01
CA PHE A 535 11.90 9.87 11.08
C PHE A 535 11.47 9.39 9.71
N ILE A 536 11.71 10.20 8.68
CA ILE A 536 11.30 9.91 7.31
C ILE A 536 12.54 9.79 6.43
N VAL A 537 12.67 8.68 5.72
CA VAL A 537 13.70 8.52 4.68
C VAL A 537 13.03 8.04 3.39
N THR A 538 13.27 8.74 2.29
CA THR A 538 12.69 8.33 1.02
C THR A 538 13.77 8.00 0.01
N GLY A 539 13.42 7.15 -0.96
CA GLY A 539 14.30 6.84 -2.07
C GLY A 539 13.77 5.86 -3.09
N LEU A 540 14.28 5.95 -4.32
CA LEU A 540 13.93 4.99 -5.36
C LEU A 540 14.41 3.60 -4.95
N LYS A 541 13.57 2.60 -5.20
CA LYS A 541 13.90 1.20 -4.89
C LYS A 541 13.34 0.32 -5.99
N ARG A 542 14.12 -0.68 -6.40
CA ARG A 542 13.61 -1.72 -7.27
C ARG A 542 12.70 -2.63 -6.45
N MET A 543 11.52 -2.91 -7.00
CA MET A 543 10.53 -3.74 -6.32
C MET A 543 9.77 -4.52 -7.38
N ALA A 544 9.23 -5.66 -6.96
CA ALA A 544 8.34 -6.42 -7.82
C ALA A 544 7.10 -5.60 -8.13
N VAL A 545 6.56 -5.83 -9.33
CA VAL A 545 5.34 -5.14 -9.75
C VAL A 545 4.20 -5.77 -8.99
N THR A 546 3.00 -5.20 -9.13
CA THR A 546 1.80 -5.79 -8.59
C THR A 546 1.22 -6.83 -9.55
N ILE A 547 0.32 -7.67 -9.03
CA ILE A 547 -0.42 -8.61 -9.88
C ILE A 547 -1.09 -7.87 -11.01
N GLY A 548 -1.68 -6.71 -10.71
CA GLY A 548 -2.35 -5.94 -11.75
C GLY A 548 -1.38 -5.36 -12.76
N GLU A 549 -0.21 -4.90 -12.29
CA GLU A 549 0.81 -4.41 -13.20
C GLU A 549 1.31 -5.54 -14.11
N GLN A 550 1.60 -6.71 -13.53
CA GLN A 550 2.06 -7.84 -14.34
C GLN A 550 1.03 -8.21 -15.40
N ALA A 551 -0.27 -8.10 -15.07
CA ALA A 551 -1.31 -8.46 -16.03
C ALA A 551 -1.31 -7.52 -17.21
N GLN A 552 -1.19 -6.21 -16.95
CA GLN A 552 -1.13 -5.24 -18.04
C GLN A 552 0.10 -5.46 -18.90
N ARG A 553 1.22 -5.85 -18.28
CA ARG A 553 2.43 -6.12 -19.06
C ARG A 553 2.21 -7.31 -20.00
N ARG A 554 1.71 -8.41 -19.43
CA ARG A 554 1.40 -9.59 -20.23
C ARG A 554 0.36 -9.25 -21.29
N GLY A 555 -0.57 -8.36 -20.95
CA GLY A 555 -1.66 -8.02 -21.86
C GLY A 555 -1.32 -7.09 -23.01
N ARG A 556 -0.03 -6.76 -23.21
CA ARG A 556 0.32 -6.03 -24.43
C ARG A 556 0.26 -6.92 -25.65
N VAL A 557 0.27 -8.24 -25.45
CA VAL A 557 0.30 -9.15 -26.58
C VAL A 557 -0.96 -9.99 -26.56
N GLY A 558 -1.13 -10.84 -27.55
CA GLY A 558 -2.33 -11.64 -27.63
C GLY A 558 -3.56 -10.81 -27.90
N ARG A 559 -3.38 -9.70 -28.60
CA ARG A 559 -4.45 -8.72 -28.75
C ARG A 559 -5.16 -8.86 -30.10
N VAL A 560 -4.40 -8.95 -31.18
CA VAL A 560 -4.96 -9.17 -32.50
C VAL A 560 -4.44 -10.44 -33.13
N LYS A 561 -3.27 -10.90 -32.72
CA LYS A 561 -2.63 -12.15 -33.07
C LYS A 561 -2.29 -12.83 -31.75
N PRO A 562 -1.82 -14.07 -31.74
CA PRO A 562 -1.35 -14.67 -30.49
C PRO A 562 -0.05 -14.02 -30.03
N GLY A 563 0.21 -14.12 -28.73
CA GLY A 563 1.45 -13.61 -28.18
C GLY A 563 2.30 -14.59 -27.41
N ARG A 564 3.57 -14.24 -27.20
CA ARG A 564 4.47 -14.94 -26.30
C ARG A 564 4.92 -13.98 -25.20
N TYR A 565 5.22 -14.54 -24.02
CA TYR A 565 5.42 -13.73 -22.82
C TYR A 565 6.46 -14.45 -21.99
N TYR A 566 7.66 -13.89 -21.96
CA TYR A 566 8.73 -14.39 -21.11
C TYR A 566 8.83 -13.52 -19.88
N ARG A 567 8.94 -14.15 -18.72
CA ARG A 567 9.09 -13.38 -17.50
C ARG A 567 10.09 -14.05 -16.58
N SER A 568 10.70 -13.21 -15.76
CA SER A 568 11.51 -13.70 -14.66
C SER A 568 10.63 -14.50 -13.69
N GLN A 569 11.28 -15.18 -12.74
CA GLN A 569 10.51 -15.84 -11.70
C GLN A 569 10.14 -14.91 -10.55
N GLU A 570 10.49 -13.64 -10.64
CA GLU A 570 10.11 -12.67 -9.62
C GLU A 570 8.61 -12.71 -9.39
N THR A 571 8.22 -12.56 -8.13
CA THR A 571 6.85 -12.82 -7.71
C THR A 571 6.10 -11.51 -7.49
N PRO A 572 4.97 -11.30 -8.16
CA PRO A 572 4.24 -10.03 -7.99
C PRO A 572 3.56 -9.94 -6.64
N VAL A 573 3.47 -8.70 -6.12
CA VAL A 573 2.85 -8.46 -4.82
C VAL A 573 1.38 -8.16 -5.00
N GLY A 574 0.63 -8.25 -3.90
CA GLY A 574 -0.81 -8.12 -3.96
C GLY A 574 -1.31 -6.72 -4.23
N SER A 575 -0.84 -5.74 -3.45
CA SER A 575 -1.39 -4.40 -3.48
C SER A 575 -0.35 -3.38 -3.94
N LYS A 576 -0.82 -2.35 -4.62
CA LYS A 576 0.02 -1.20 -4.89
C LYS A 576 0.35 -0.49 -3.58
N ASP A 577 1.64 -0.24 -3.36
CA ASP A 577 2.10 0.46 -2.16
C ASP A 577 2.07 1.97 -2.45
N TYR A 578 1.10 2.66 -1.85
CA TYR A 578 0.84 4.08 -2.10
C TYR A 578 1.36 4.99 -1.00
N HIS A 579 2.19 4.50 -0.08
CA HIS A 579 2.53 5.33 1.07
C HIS A 579 3.45 6.49 0.70
N TYR A 580 4.34 6.32 -0.28
CA TYR A 580 5.14 7.46 -0.68
C TYR A 580 4.27 8.54 -1.32
N ASP A 581 3.32 8.13 -2.17
CA ASP A 581 2.41 9.10 -2.77
C ASP A 581 1.53 9.74 -1.71
N LEU A 582 1.14 8.96 -0.70
CA LEU A 582 0.36 9.53 0.40
C LEU A 582 1.20 10.51 1.20
N LEU A 583 2.47 10.20 1.40
CA LEU A 583 3.39 11.14 2.04
C LEU A 583 3.40 12.47 1.28
N GLN A 584 3.55 12.41 -0.06
CA GLN A 584 3.62 13.61 -0.86
C GLN A 584 2.28 14.36 -0.84
N ALA A 585 1.16 13.62 -0.77
CA ALA A 585 -0.18 14.20 -0.74
C ALA A 585 -0.45 15.07 0.50
N GLN A 586 0.29 14.84 1.59
CA GLN A 586 0.12 15.62 2.80
C GLN A 586 0.29 17.11 2.54
N ARG A 587 1.02 17.44 1.48
CA ARG A 587 1.29 18.82 1.12
C ARG A 587 0.00 19.59 0.93
N TYR A 588 -0.98 18.97 0.31
CA TYR A 588 -2.21 19.63 -0.07
C TYR A 588 -3.12 19.89 1.08
N GLY A 589 -2.66 19.58 2.29
CA GLY A 589 -3.41 19.85 3.50
C GLY A 589 -2.73 20.88 4.39
N ILE A 590 -1.50 21.26 4.03
CA ILE A 590 -0.72 22.19 4.86
C ILE A 590 -1.47 23.52 5.03
N GLU A 591 -1.96 24.09 3.92
CA GLU A 591 -2.65 25.37 3.96
C GLU A 591 -3.84 25.34 4.93
N ASP A 592 -4.69 24.32 4.82
CA ASP A 592 -5.89 24.21 5.64
C ASP A 592 -5.62 23.50 6.97
N GLY A 593 -4.37 23.15 7.25
CA GLY A 593 -4.09 22.42 8.48
C GLY A 593 -4.87 21.13 8.63
N ILE A 594 -5.08 20.41 7.53
CA ILE A 594 -5.79 19.13 7.54
C ILE A 594 -4.77 18.01 7.55
N ASN A 595 -4.95 17.05 8.44
CA ASN A 595 -4.12 15.85 8.42
C ASN A 595 -4.61 15.01 7.24
N ILE A 596 -3.88 15.07 6.12
CA ILE A 596 -4.29 14.34 4.92
C ILE A 596 -4.26 12.83 5.18
N THR A 597 -3.25 12.35 5.90
CA THR A 597 -3.15 10.91 6.15
C THR A 597 -4.37 10.40 6.90
N LYS A 598 -4.82 11.14 7.92
CA LYS A 598 -5.94 10.69 8.71
C LYS A 598 -7.25 10.83 7.95
N SER A 599 -7.41 11.94 7.20
CA SER A 599 -8.58 12.04 6.34
C SER A 599 -8.61 10.91 5.33
N PHE A 600 -7.44 10.51 4.84
CA PHE A 600 -7.41 9.37 3.93
C PHE A 600 -7.82 8.09 4.64
N ARG A 601 -7.33 7.86 5.87
CA ARG A 601 -7.57 6.59 6.54
C ARG A 601 -9.04 6.42 6.89
N GLU A 602 -9.68 7.51 7.32
CA GLU A 602 -11.12 7.50 7.57
C GLU A 602 -11.90 7.32 6.26
N MET A 603 -11.54 8.08 5.23
CA MET A 603 -12.14 7.86 3.92
C MET A 603 -12.02 6.40 3.50
N ASN A 604 -10.81 5.84 3.61
CA ASN A 604 -10.63 4.47 3.13
C ASN A 604 -11.49 3.47 3.89
N TYR A 605 -11.73 3.69 5.19
CA TYR A 605 -12.59 2.76 5.90
C TYR A 605 -14.02 2.86 5.40
N ASP A 606 -14.47 4.07 5.12
CA ASP A 606 -15.80 4.30 4.58
C ASP A 606 -15.99 3.62 3.21
N TRP A 607 -15.09 3.91 2.26
CA TRP A 607 -15.27 3.55 0.86
C TRP A 607 -14.59 2.24 0.49
N SER A 608 -13.68 1.72 1.33
CA SER A 608 -13.13 0.36 1.19
C SER A 608 -12.39 0.18 -0.13
N LEU A 609 -11.50 1.12 -0.45
CA LEU A 609 -10.87 1.10 -1.76
C LEU A 609 -9.45 0.58 -1.75
N TYR A 610 -8.67 0.84 -0.70
CA TYR A 610 -7.28 0.46 -0.66
C TYR A 610 -6.99 -0.44 0.52
N GLU A 611 -6.01 -1.30 0.35
CA GLU A 611 -5.49 -2.07 1.46
C GLU A 611 -4.68 -1.16 2.36
N GLU A 612 -4.63 -1.53 3.63
CA GLU A 612 -3.98 -0.72 4.66
C GLU A 612 -2.77 -1.45 5.22
N ASP A 613 -1.65 -0.74 5.29
CA ASP A 613 -0.54 -1.11 6.15
C ASP A 613 -0.80 -0.41 7.49
N SER A 614 -1.35 -1.16 8.45
CA SER A 614 -1.78 -0.50 9.68
C SER A 614 -0.60 0.18 10.39
N LEU A 615 0.54 -0.49 10.46
CA LEU A 615 1.72 0.10 11.09
C LEU A 615 2.14 1.39 10.37
N MET A 616 2.34 1.30 9.06
CA MET A 616 2.85 2.45 8.32
C MET A 616 1.84 3.58 8.25
N ILE A 617 0.56 3.26 8.05
CA ILE A 617 -0.43 4.34 7.98
C ILE A 617 -0.46 5.09 9.31
N THR A 618 -0.36 4.35 10.43
CA THR A 618 -0.36 5.00 11.73
C THR A 618 0.90 5.85 11.93
N GLN A 619 2.07 5.32 11.55
CA GLN A 619 3.27 6.12 11.67
C GLN A 619 3.18 7.40 10.84
N LEU A 620 2.60 7.31 9.63
CA LEU A 620 2.45 8.49 8.77
C LEU A 620 1.48 9.49 9.37
N GLU A 621 0.44 8.99 10.05
CA GLU A 621 -0.53 9.88 10.68
C GLU A 621 0.12 10.69 11.79
N ILE A 622 0.94 10.04 12.61
CA ILE A 622 1.62 10.73 13.70
C ILE A 622 2.52 11.82 13.17
N LEU A 623 3.30 11.48 12.13
CA LEU A 623 4.16 12.48 11.52
C LEU A 623 3.37 13.58 10.85
N ASN A 624 2.20 13.26 10.30
CA ASN A 624 1.36 14.28 9.69
C ASN A 624 0.85 15.27 10.73
N ASN A 625 0.68 14.80 11.98
CA ASN A 625 0.32 15.71 13.07
C ASN A 625 1.44 16.71 13.32
N LEU A 626 2.69 16.22 13.36
CA LEU A 626 3.81 17.13 13.50
C LEU A 626 3.82 18.16 12.37
N LEU A 627 3.59 17.71 11.13
CA LEU A 627 3.61 18.61 9.99
C LEU A 627 2.62 19.77 10.14
N ILE A 628 1.44 19.51 10.69
CA ILE A 628 0.40 20.54 10.77
C ILE A 628 0.22 21.05 12.21
N SER A 629 1.21 20.85 13.08
CA SER A 629 1.06 21.34 14.44
C SER A 629 1.19 22.87 14.50
N GLU A 630 2.15 23.44 13.77
CA GLU A 630 2.26 24.87 13.61
C GLU A 630 2.10 25.23 12.15
N GLU A 631 1.69 26.46 11.89
CA GLU A 631 1.46 26.90 10.52
C GLU A 631 2.79 27.13 9.80
N LEU A 632 2.82 26.82 8.52
CA LEU A 632 4.10 26.88 7.81
C LEU A 632 4.50 28.33 7.59
N PRO A 633 5.74 28.71 7.93
CA PRO A 633 6.22 30.05 7.60
C PRO A 633 5.98 30.35 6.11
N MET A 634 5.40 31.52 5.85
CA MET A 634 5.02 31.88 4.49
C MET A 634 6.18 31.72 3.52
N ALA A 635 7.38 32.12 3.94
CA ALA A 635 8.54 32.01 3.07
C ALA A 635 8.82 30.57 2.67
N VAL A 636 8.55 29.62 3.58
CA VAL A 636 8.67 28.20 3.25
C VAL A 636 7.67 27.81 2.17
N LYS A 637 6.40 28.16 2.39
CA LYS A 637 5.35 27.81 1.43
C LYS A 637 5.62 28.38 0.06
N ASN A 638 6.21 29.59 0.01
CA ASN A 638 6.59 30.16 -1.27
C ASN A 638 7.76 29.39 -1.88
N ILE A 639 8.85 29.22 -1.12
CA ILE A 639 10.00 28.49 -1.64
C ILE A 639 9.59 27.10 -2.12
N MET A 640 8.63 26.47 -1.43
CA MET A 640 8.10 25.18 -1.88
C MET A 640 7.48 25.30 -3.27
N ALA A 641 6.73 26.38 -3.51
CA ALA A 641 5.93 26.49 -4.72
C ALA A 641 6.79 26.77 -5.95
N ARG A 642 7.94 27.40 -5.79
CA ARG A 642 8.76 27.77 -6.93
C ARG A 642 10.03 26.95 -7.05
N THR A 643 10.26 25.99 -6.18
CA THR A 643 11.51 25.25 -6.20
C THR A 643 11.43 24.08 -7.18
N ASP A 644 12.59 23.78 -7.78
CA ASP A 644 12.76 22.58 -8.60
C ASP A 644 13.15 21.36 -7.79
N HIS A 645 13.35 21.53 -6.47
CA HIS A 645 13.52 20.42 -5.55
C HIS A 645 12.38 19.41 -5.70
N PRO A 646 12.68 18.11 -5.83
CA PRO A 646 11.63 17.15 -6.20
C PRO A 646 10.69 16.74 -5.07
N GLU A 647 11.07 16.95 -3.80
CA GLU A 647 10.24 16.63 -2.65
C GLU A 647 10.05 17.87 -1.78
N PRO A 648 9.24 18.83 -2.24
CA PRO A 648 9.08 20.09 -1.48
C PRO A 648 8.62 19.89 -0.05
N ILE A 649 7.81 18.86 0.22
CA ILE A 649 7.37 18.58 1.59
C ILE A 649 8.55 18.31 2.52
N GLN A 650 9.72 17.98 1.98
CA GLN A 650 10.88 17.77 2.84
C GLN A 650 11.27 19.06 3.57
N LEU A 651 11.15 20.21 2.89
CA LEU A 651 11.41 21.50 3.52
C LEU A 651 10.34 21.85 4.54
N ALA A 652 9.09 21.49 4.26
CA ALA A 652 8.03 21.68 5.24
C ALA A 652 8.34 20.89 6.51
N TYR A 653 8.70 19.61 6.39
CA TYR A 653 9.00 18.81 7.58
C TYR A 653 10.26 19.31 8.28
N ASN A 654 11.29 19.65 7.51
CA ASN A 654 12.55 20.03 8.15
C ASN A 654 12.50 21.45 8.75
N SER A 655 11.49 22.26 8.43
CA SER A 655 11.41 23.57 9.05
C SER A 655 11.21 23.48 10.56
N TYR A 656 10.72 22.32 11.06
CA TYR A 656 10.53 22.14 12.51
C TYR A 656 11.84 21.98 13.26
N GLU A 657 12.97 21.89 12.56
CA GLU A 657 14.26 21.71 13.20
C GLU A 657 15.30 22.67 12.63
N THR A 658 15.14 23.10 11.38
CA THR A 658 16.12 24.01 10.79
C THR A 658 15.49 24.73 9.60
N GLN A 659 15.90 25.97 9.41
CA GLN A 659 15.44 26.78 8.29
C GLN A 659 16.47 26.87 7.16
N VAL A 660 17.69 26.39 7.37
CA VAL A 660 18.72 26.42 6.34
C VAL A 660 18.79 25.06 5.69
N PRO A 661 18.34 24.91 4.44
CA PRO A 661 18.48 23.62 3.76
C PRO A 661 19.95 23.35 3.52
N VAL A 662 20.26 22.08 3.37
CA VAL A 662 21.64 21.66 3.22
C VAL A 662 21.80 20.98 1.87
N LEU A 663 23.00 21.12 1.31
CA LEU A 663 23.41 20.45 0.08
C LEU A 663 24.26 19.25 0.46
N PHE A 664 23.74 18.07 0.20
CA PHE A 664 24.50 16.87 0.52
C PHE A 664 25.31 16.44 -0.69
N PRO A 665 26.50 15.89 -0.46
CA PRO A 665 27.33 15.42 -1.57
C PRO A 665 26.63 14.28 -2.29
N LYS A 666 26.71 14.30 -3.61
CA LYS A 666 26.00 13.29 -4.38
C LYS A 666 26.65 11.93 -4.24
N ILE A 667 25.84 10.91 -4.47
CA ILE A 667 26.26 9.52 -4.46
C ILE A 667 26.37 9.05 -5.91
N ARG A 668 27.42 8.28 -6.20
CA ARG A 668 27.52 7.59 -7.48
C ARG A 668 28.11 6.21 -7.23
N ASN A 669 27.36 5.18 -7.60
CA ASN A 669 27.79 3.79 -7.44
C ASN A 669 28.20 3.50 -5.99
N GLY A 670 27.30 3.84 -5.06
CA GLY A 670 27.50 3.52 -3.66
C GLY A 670 28.67 4.20 -3.00
N GLU A 671 29.20 5.26 -3.59
CA GLU A 671 30.35 5.98 -3.07
C GLU A 671 30.02 7.48 -3.05
N VAL A 672 30.67 8.20 -2.15
CA VAL A 672 30.42 9.63 -1.96
C VAL A 672 31.26 10.42 -2.94
N THR A 673 30.61 11.19 -3.81
CA THR A 673 31.32 11.99 -4.79
C THR A 673 31.56 13.38 -4.21
N ASP A 674 32.05 14.29 -5.05
CA ASP A 674 32.26 15.69 -4.70
C ASP A 674 31.36 16.60 -5.51
N SER A 675 30.35 16.04 -6.17
CA SER A 675 29.34 16.83 -6.86
C SER A 675 28.22 17.19 -5.89
N TYR A 676 27.43 18.19 -6.28
CA TYR A 676 26.28 18.61 -5.50
C TYR A 676 25.14 18.98 -6.43
N ASP A 677 23.99 18.36 -6.18
CA ASP A 677 22.74 18.76 -6.84
C ASP A 677 22.24 20.03 -6.17
N ASN A 678 22.60 21.18 -6.75
CA ASN A 678 22.07 22.43 -6.24
C ASN A 678 20.61 22.59 -6.65
N TYR A 679 19.84 23.21 -5.78
CA TYR A 679 18.42 23.40 -6.01
C TYR A 679 18.05 24.87 -5.95
N THR A 680 16.96 25.18 -6.63
CA THR A 680 16.47 26.53 -6.79
C THR A 680 16.10 27.17 -5.45
N PHE A 681 16.52 28.42 -5.25
CA PHE A 681 16.07 29.28 -4.14
C PHE A 681 16.45 28.76 -2.75
N LEU A 682 17.15 27.64 -2.70
CA LEU A 682 17.54 27.05 -1.43
C LEU A 682 18.95 27.54 -1.13
N ASN A 683 19.08 28.61 -0.34
CA ASN A 683 20.43 29.08 -0.09
C ASN A 683 21.10 28.13 0.89
N ALA A 684 21.54 26.99 0.35
CA ALA A 684 21.95 25.86 1.16
C ALA A 684 23.38 26.02 1.63
N ARG A 685 23.81 25.05 2.42
CA ARG A 685 25.18 24.94 2.84
C ARG A 685 25.67 23.54 2.50
N LYS A 686 26.97 23.44 2.22
CA LYS A 686 27.58 22.14 2.07
C LYS A 686 27.54 21.40 3.41
N LEU A 687 27.12 20.14 3.38
CA LEU A 687 27.17 19.26 4.53
C LEU A 687 28.47 19.44 5.29
N GLY A 688 29.58 19.09 4.65
CA GLY A 688 30.90 19.22 5.25
C GLY A 688 31.05 18.38 6.51
N ASP A 689 31.15 19.06 7.64
CA ASP A 689 31.35 18.42 8.94
C ASP A 689 30.10 18.46 9.80
N ASP A 690 29.08 19.22 9.40
CA ASP A 690 27.96 19.61 10.25
C ASP A 690 26.66 19.08 9.66
N VAL A 691 26.23 17.91 10.10
CA VAL A 691 25.04 17.29 9.51
C VAL A 691 23.79 17.89 10.16
N PRO A 692 22.81 18.32 9.36
CA PRO A 692 21.69 19.08 9.89
C PRO A 692 20.65 18.17 10.53
N PRO A 693 19.78 18.75 11.47
CA PRO A 693 18.74 17.95 12.16
C PRO A 693 17.52 17.69 11.28
N TYR A 694 17.69 16.86 10.27
CA TYR A 694 16.58 16.58 9.36
C TYR A 694 15.52 15.70 10.03
N VAL A 695 14.26 16.07 9.81
CA VAL A 695 13.16 15.16 10.10
C VAL A 695 12.96 14.22 8.93
N TYR A 696 13.35 14.67 7.74
CA TYR A 696 13.00 14.05 6.47
C TYR A 696 14.25 14.10 5.60
N ALA A 697 14.72 12.94 5.15
CA ALA A 697 15.98 12.81 4.43
C ALA A 697 15.78 11.79 3.30
N THR A 698 16.59 11.91 2.26
CA THR A 698 16.60 10.92 1.20
C THR A 698 17.58 9.82 1.53
N GLU A 699 17.42 8.68 0.85
CA GLU A 699 18.36 7.58 1.04
C GLU A 699 19.80 8.02 0.77
N ASP A 700 20.02 8.77 -0.31
CA ASP A 700 21.37 9.20 -0.63
C ASP A 700 21.93 10.13 0.44
N GLU A 701 21.09 11.03 0.95
CA GLU A 701 21.52 11.87 2.06
C GLU A 701 21.91 11.03 3.27
N ASP A 702 21.10 10.02 3.60
CA ASP A 702 21.44 9.14 4.73
C ASP A 702 22.70 8.33 4.43
N LEU A 703 22.85 7.86 3.20
CA LEU A 703 24.05 7.11 2.85
C LEU A 703 25.28 7.99 2.93
N ALA A 704 25.17 9.23 2.44
CA ALA A 704 26.29 10.15 2.52
C ALA A 704 26.73 10.34 3.97
N VAL A 705 25.79 10.56 4.89
CA VAL A 705 26.16 10.74 6.29
C VAL A 705 26.92 9.51 6.80
N GLU A 706 26.43 8.33 6.47
CA GLU A 706 27.02 7.10 6.98
C GLU A 706 28.40 6.86 6.40
N LEU A 707 28.58 7.10 5.11
CA LEU A 707 29.87 6.84 4.48
C LEU A 707 30.94 7.76 5.05
N LEU A 708 30.56 8.99 5.40
CA LEU A 708 31.47 9.97 5.98
C LEU A 708 31.72 9.77 7.46
N GLY A 709 31.20 8.70 8.06
CA GLY A 709 31.36 8.47 9.49
C GLY A 709 30.60 9.42 10.39
N LEU A 710 29.78 10.30 9.83
CA LEU A 710 29.03 11.32 10.57
C LEU A 710 27.83 10.70 11.30
N ASP A 711 27.08 11.55 12.00
CA ASP A 711 25.89 11.12 12.72
C ASP A 711 24.76 12.12 12.54
N TRP A 712 23.49 11.59 12.49
CA TRP A 712 22.34 12.51 12.44
C TRP A 712 22.05 13.07 13.83
N PRO A 713 21.74 14.37 13.93
CA PRO A 713 21.41 14.96 15.23
C PRO A 713 20.15 14.35 15.85
N ASP A 714 20.03 14.58 17.16
CA ASP A 714 18.84 14.27 17.90
C ASP A 714 17.86 15.43 17.78
N PRO A 715 16.56 15.17 17.94
CA PRO A 715 15.57 16.26 17.85
C PRO A 715 15.86 17.35 18.85
N GLY A 716 15.68 18.61 18.41
CA GLY A 716 15.93 19.76 19.25
C GLY A 716 14.69 20.46 19.78
N ASN A 717 13.54 20.24 19.15
CA ASN A 717 12.31 20.92 19.52
C ASN A 717 11.31 19.93 20.11
N GLN A 718 10.55 20.38 21.11
CA GLN A 718 9.69 19.48 21.85
C GLN A 718 8.58 18.88 20.99
N GLY A 719 8.13 19.59 19.95
CA GLY A 719 7.20 18.99 19.01
C GLY A 719 7.80 17.81 18.27
N THR A 720 9.10 17.88 17.96
CA THR A 720 9.77 16.79 17.26
C THR A 720 10.09 15.62 18.20
N VAL A 721 10.53 15.92 19.43
CA VAL A 721 10.69 14.89 20.44
C VAL A 721 9.40 14.11 20.63
N GLU A 722 8.30 14.84 20.79
CA GLU A 722 7.02 14.18 21.04
C GLU A 722 6.58 13.32 19.87
N ALA A 723 6.86 13.74 18.63
CA ALA A 723 6.55 12.89 17.49
C ALA A 723 7.35 11.59 17.56
N GLY A 724 8.64 11.70 17.89
CA GLY A 724 9.48 10.51 17.96
C GLY A 724 9.00 9.55 19.03
N ARG A 725 8.52 10.08 20.15
CA ARG A 725 8.04 9.20 21.21
C ARG A 725 6.69 8.59 20.86
N ALA A 726 5.84 9.34 20.13
CA ALA A 726 4.56 8.79 19.72
C ALA A 726 4.72 7.71 18.66
N LEU A 727 5.78 7.81 17.82
CA LEU A 727 6.11 6.76 16.87
C LEU A 727 6.47 5.45 17.57
N LYS A 728 6.97 5.50 18.80
CA LYS A 728 7.25 4.29 19.55
C LYS A 728 5.99 3.61 20.03
N GLN A 729 4.84 4.28 19.93
CA GLN A 729 3.60 3.78 20.50
C GLN A 729 2.70 3.08 19.49
N VAL A 730 3.21 2.73 18.29
CA VAL A 730 2.61 1.78 17.35
C VAL A 730 3.62 0.70 17.07
N VAL A 731 3.22 -0.56 17.16
CA VAL A 731 4.13 -1.67 16.91
C VAL A 731 3.31 -2.82 16.35
N GLY A 732 3.90 -3.56 15.42
CA GLY A 732 3.42 -4.89 15.13
C GLY A 732 3.56 -5.68 16.41
N LEU A 733 2.50 -6.33 16.87
CA LEU A 733 2.52 -6.92 18.19
C LEU A 733 3.33 -8.22 18.27
#